data_1AY4
#
_entry.id   1AY4
#
_cell.length_a   123.720
_cell.length_b   123.060
_cell.length_c   55.160
_cell.angle_alpha   90.00
_cell.angle_beta   90.00
_cell.angle_gamma   90.00
#
_symmetry.space_group_name_H-M   'P 21 21 21'
#
loop_
_entity.id
_entity.type
_entity.pdbx_description
1 polymer 'AROMATIC AMINO ACID AMINOTRANSFERASE'
2 non-polymer "PYRIDOXAL-5'-PHOSPHATE"
3 water water
#
_entity_poly.entity_id   1
_entity_poly.type   'polypeptide(L)'
_entity_poly.pdbx_seq_one_letter_code
;MLGNLKPQAPDKILALMGEFRADPRQGKIDLGVGVYKDATGHTPIMRAVHAAEQRMLETETTKTYAGLSGEPEFQKAMGE
LILGDGLKSETTATLATVGGTGALRQALELARMANPDLRVFVSDPTWPNHVSIMNFMGLPVQTYRYFDAETRGVDFEGMK
ADLAAAKKGDMVLLHGCCHNPTGANLTLDQWAEIASILEKTGALPLIDLAYQGFGDGLEEDAAGTRLIASRIPEVLIAAS
CSKNFGIYRERTGCLLALCADAATRELAQGAMAFLNRQTYSFPPFHGAKIVSTVLTTPELRADWMAELEAVRSGMLRLRE
QLAGELRDLSGSDRFGFVAEHRGMFSRLGATPEQVKRIKEEFGIYMVGDSRINIAGLNDNTIPILARAIIEVGV
;
_entity_poly.pdbx_strand_id   A,B
#
loop_
_chem_comp.id
_chem_comp.type
_chem_comp.name
_chem_comp.formula
PLP non-polymer PYRIDOXAL-5'-PHOSPHATE 'C8 H10 N O6 P'
#
# COMPACT_ATOMS: atom_id res chain seq x y z
N MET A 1 24.86 6.34 8.53
CA MET A 1 25.08 5.57 7.29
C MET A 1 24.25 6.03 6.10
N LEU A 2 23.21 6.83 6.35
CA LEU A 2 22.35 7.29 5.25
C LEU A 2 23.05 8.17 4.21
N GLY A 3 24.30 8.53 4.47
CA GLY A 3 25.04 9.37 3.54
C GLY A 3 25.53 8.63 2.31
N ASN A 4 25.69 7.31 2.42
CA ASN A 4 26.15 6.54 1.26
C ASN A 4 24.96 5.92 0.53
N LEU A 5 23.93 6.74 0.42
CA LEU A 5 22.69 6.37 -0.26
C LEU A 5 22.84 7.07 -1.62
N LYS A 6 22.94 6.29 -2.69
CA LYS A 6 23.10 6.87 -4.02
C LYS A 6 21.89 7.71 -4.42
N PRO A 7 22.12 8.81 -5.16
CA PRO A 7 21.06 9.71 -5.61
C PRO A 7 20.04 8.95 -6.45
N GLN A 8 18.77 9.24 -6.21
CA GLN A 8 17.69 8.59 -6.92
C GLN A 8 17.04 9.58 -7.88
N ALA A 9 16.90 9.17 -9.14
CA ALA A 9 16.31 10.03 -10.16
C ALA A 9 14.84 10.35 -9.89
N PRO A 10 14.44 11.61 -10.13
CA PRO A 10 13.07 12.08 -9.93
C PRO A 10 12.09 11.43 -10.91
N ASP A 11 10.87 11.96 -10.96
CA ASP A 11 9.82 11.43 -11.83
C ASP A 11 9.95 11.96 -13.26
N LYS A 12 9.78 11.05 -14.23
CA LYS A 12 9.89 11.36 -15.66
C LYS A 12 9.34 12.71 -16.15
N ILE A 13 8.03 12.89 -16.09
CA ILE A 13 7.43 14.14 -16.56
C ILE A 13 7.55 15.30 -15.57
N LEU A 14 7.91 15.02 -14.32
CA LEU A 14 8.06 16.04 -13.28
C LEU A 14 8.77 17.28 -13.80
N ALA A 15 9.89 17.05 -14.48
CA ALA A 15 10.69 18.14 -15.05
C ALA A 15 9.89 18.88 -16.13
N LEU A 16 9.27 18.11 -17.02
CA LEU A 16 8.47 18.68 -18.10
C LEU A 16 7.31 19.49 -17.54
N MET A 17 6.79 19.07 -16.39
CA MET A 17 5.68 19.77 -15.73
C MET A 17 6.15 21.14 -15.27
N GLY A 18 7.40 21.21 -14.80
CA GLY A 18 7.98 22.46 -14.35
C GLY A 18 8.31 23.35 -15.53
N GLU A 19 8.71 22.71 -16.63
CA GLU A 19 9.06 23.43 -17.85
C GLU A 19 7.80 24.09 -18.40
N PHE A 20 6.71 23.33 -18.43
CA PHE A 20 5.42 23.82 -18.92
C PHE A 20 5.02 25.05 -18.11
N ARG A 21 5.03 24.93 -16.80
CA ARG A 21 4.66 26.01 -15.89
C ARG A 21 5.42 27.31 -16.11
N ALA A 22 6.72 27.20 -16.35
CA ALA A 22 7.55 28.38 -16.58
C ALA A 22 7.24 29.12 -17.87
N ASP A 23 6.71 28.40 -18.86
CA ASP A 23 6.39 28.98 -20.15
C ASP A 23 5.41 30.14 -20.01
N PRO A 24 5.83 31.34 -20.43
CA PRO A 24 5.02 32.57 -20.36
C PRO A 24 4.01 32.74 -21.49
N ARG A 25 3.99 31.82 -22.45
CA ARG A 25 3.07 31.94 -23.57
C ARG A 25 1.60 31.73 -23.25
N GLN A 26 0.80 32.68 -23.68
CA GLN A 26 -0.65 32.65 -23.50
C GLN A 26 -1.12 31.65 -24.56
N GLY A 27 -1.84 30.63 -24.13
CA GLY A 27 -2.33 29.66 -25.10
C GLY A 27 -1.50 28.40 -25.27
N LYS A 28 -0.57 28.15 -24.35
CA LYS A 28 0.24 26.95 -24.40
C LYS A 28 -0.71 25.78 -24.10
N ILE A 29 -0.36 24.56 -24.53
CA ILE A 29 -1.22 23.40 -24.34
C ILE A 29 -0.45 22.23 -23.75
N ASP A 30 -1.04 21.53 -22.78
CA ASP A 30 -0.38 20.37 -22.18
C ASP A 30 -1.09 19.07 -22.54
N LEU A 31 -0.40 18.23 -23.31
CA LEU A 31 -0.92 16.93 -23.73
C LEU A 31 -0.11 15.79 -23.12
N GLY A 32 0.74 16.13 -22.16
CA GLY A 32 1.55 15.13 -21.51
C GLY A 32 0.90 14.57 -20.25
N VAL A 33 -0.23 15.15 -19.85
CA VAL A 33 -0.93 14.70 -18.65
C VAL A 33 -1.27 13.20 -18.72
N GLY A 34 -1.13 12.51 -17.59
CA GLY A 34 -1.40 11.08 -17.57
C GLY A 34 -2.71 10.65 -16.93
N VAL A 35 -3.65 11.56 -16.80
CA VAL A 35 -4.94 11.25 -16.20
C VAL A 35 -6.04 11.85 -17.07
N TYR A 36 -7.26 11.40 -16.86
CA TYR A 36 -8.38 11.93 -17.62
C TYR A 36 -8.63 13.35 -17.16
N LYS A 37 -9.07 14.19 -18.10
CA LYS A 37 -9.39 15.59 -17.87
C LYS A 37 -10.67 15.83 -18.64
N ASP A 38 -11.66 16.48 -18.04
CA ASP A 38 -12.90 16.74 -18.73
C ASP A 38 -12.77 17.98 -19.61
N ALA A 39 -13.88 18.40 -20.20
CA ALA A 39 -13.89 19.59 -21.06
C ALA A 39 -13.34 20.83 -20.35
N THR A 40 -13.61 20.93 -19.06
CA THR A 40 -13.17 22.07 -18.25
C THR A 40 -11.78 21.92 -17.64
N GLY A 41 -11.01 20.93 -18.12
CA GLY A 41 -9.67 20.72 -17.61
C GLY A 41 -9.57 20.16 -16.21
N HIS A 42 -10.62 19.49 -15.75
CA HIS A 42 -10.65 18.90 -14.42
C HIS A 42 -10.72 17.38 -14.44
N THR A 43 -10.43 16.77 -13.30
CA THR A 43 -10.49 15.33 -13.15
C THR A 43 -11.53 15.14 -12.06
N PRO A 44 -12.81 15.21 -12.42
CA PRO A 44 -13.93 15.06 -11.48
C PRO A 44 -14.06 13.69 -10.85
N ILE A 45 -14.81 13.66 -9.75
CA ILE A 45 -15.09 12.44 -9.01
C ILE A 45 -16.40 11.94 -9.62
N MET A 46 -16.40 10.70 -10.08
CA MET A 46 -17.60 10.12 -10.67
C MET A 46 -18.79 10.14 -9.70
N ARG A 47 -19.97 10.42 -10.25
CA ARG A 47 -21.22 10.49 -9.48
C ARG A 47 -21.49 9.28 -8.58
N ALA A 48 -21.29 8.09 -9.13
CA ALA A 48 -21.53 6.87 -8.39
C ALA A 48 -20.49 6.72 -7.27
N VAL A 49 -19.30 7.26 -7.50
CA VAL A 49 -18.23 7.21 -6.51
C VAL A 49 -18.54 8.14 -5.35
N HIS A 50 -19.03 9.34 -5.65
CA HIS A 50 -19.39 10.28 -4.59
C HIS A 50 -20.55 9.71 -3.79
N ALA A 51 -21.53 9.14 -4.49
CA ALA A 51 -22.69 8.55 -3.84
C ALA A 51 -22.32 7.34 -2.99
N ALA A 52 -21.34 6.56 -3.44
CA ALA A 52 -20.92 5.38 -2.68
C ALA A 52 -20.26 5.81 -1.38
N GLU A 53 -19.41 6.84 -1.44
CA GLU A 53 -18.73 7.32 -0.24
C GLU A 53 -19.72 7.83 0.79
N GLN A 54 -20.81 8.43 0.31
CA GLN A 54 -21.85 8.94 1.17
C GLN A 54 -22.51 7.76 1.88
N ARG A 55 -22.76 6.68 1.14
CA ARG A 55 -23.37 5.48 1.72
C ARG A 55 -22.47 4.92 2.80
N MET A 56 -21.19 4.79 2.48
CA MET A 56 -20.22 4.24 3.43
C MET A 56 -20.17 5.05 4.73
N LEU A 57 -20.25 6.37 4.60
CA LEU A 57 -20.22 7.28 5.74
C LEU A 57 -21.33 6.99 6.74
N GLU A 58 -22.50 6.63 6.22
CA GLU A 58 -23.68 6.34 7.04
C GLU A 58 -23.79 4.90 7.52
N THR A 59 -23.16 3.96 6.83
CA THR A 59 -23.27 2.57 7.21
C THR A 59 -22.11 1.93 7.93
N GLU A 60 -20.90 2.43 7.72
CA GLU A 60 -19.76 1.84 8.39
C GLU A 60 -19.85 2.10 9.89
N THR A 61 -19.60 1.06 10.68
CA THR A 61 -19.66 1.18 12.12
C THR A 61 -18.29 1.03 12.74
N THR A 62 -17.39 0.33 12.04
CA THR A 62 -16.05 0.11 12.57
C THR A 62 -14.97 0.27 11.51
N LYS A 63 -13.73 0.30 11.97
CA LYS A 63 -12.56 0.43 11.11
C LYS A 63 -11.49 -0.56 11.57
N THR A 64 -11.91 -1.64 12.20
CA THR A 64 -10.96 -2.66 12.67
C THR A 64 -10.28 -3.31 11.48
N TYR A 65 -9.28 -4.13 11.75
CA TYR A 65 -8.60 -4.84 10.67
C TYR A 65 -9.60 -5.77 10.00
N ALA A 66 -9.55 -5.79 8.67
CA ALA A 66 -10.43 -6.61 7.88
C ALA A 66 -9.63 -7.76 7.25
N GLY A 67 -9.89 -8.06 5.98
CA GLY A 67 -9.21 -9.15 5.29
C GLY A 67 -7.83 -8.88 4.71
N LEU A 68 -6.89 -9.76 5.03
CA LEU A 68 -5.52 -9.67 4.56
C LEU A 68 -5.39 -9.73 3.05
N SER A 69 -6.33 -10.42 2.40
CA SER A 69 -6.31 -10.53 0.94
C SER A 69 -7.33 -9.60 0.31
N GLY A 70 -8.03 -8.84 1.14
CA GLY A 70 -9.05 -7.94 0.67
C GLY A 70 -10.39 -8.46 1.12
N GLU A 71 -11.47 -7.71 0.84
CA GLU A 71 -12.79 -8.15 1.23
C GLU A 71 -13.39 -9.07 0.17
N PRO A 72 -14.08 -10.13 0.61
CA PRO A 72 -14.71 -11.10 -0.28
C PRO A 72 -15.61 -10.45 -1.33
N GLU A 73 -16.33 -9.41 -0.92
CA GLU A 73 -17.24 -8.67 -1.79
C GLU A 73 -16.49 -8.04 -2.96
N PHE A 74 -15.34 -7.45 -2.65
CA PHE A 74 -14.50 -6.81 -3.66
C PHE A 74 -13.87 -7.84 -4.59
N GLN A 75 -13.38 -8.92 -4.00
CA GLN A 75 -12.75 -10.00 -4.75
C GLN A 75 -13.70 -10.58 -5.79
N LYS A 76 -14.92 -10.85 -5.38
CA LYS A 76 -15.95 -11.41 -6.26
C LYS A 76 -16.32 -10.43 -7.37
N ALA A 77 -16.61 -9.19 -6.98
CA ALA A 77 -17.00 -8.16 -7.93
C ALA A 77 -15.94 -7.88 -8.98
N MET A 78 -14.68 -7.86 -8.55
CA MET A 78 -13.59 -7.62 -9.49
C MET A 78 -13.44 -8.78 -10.45
N GLY A 79 -13.53 -9.99 -9.93
CA GLY A 79 -13.41 -11.17 -10.77
C GLY A 79 -14.50 -11.23 -11.81
N GLU A 80 -15.71 -10.86 -11.43
CA GLU A 80 -16.84 -10.87 -12.34
C GLU A 80 -16.75 -9.74 -13.37
N LEU A 81 -16.28 -8.58 -12.94
CA LEU A 81 -16.17 -7.44 -13.83
C LEU A 81 -15.15 -7.74 -14.94
N ILE A 82 -14.10 -8.45 -14.60
CA ILE A 82 -13.06 -8.78 -15.56
C ILE A 82 -13.32 -10.03 -16.40
N LEU A 83 -13.64 -11.15 -15.75
CA LEU A 83 -13.85 -12.43 -16.42
C LEU A 83 -15.29 -12.81 -16.75
N GLY A 84 -16.23 -11.90 -16.55
CA GLY A 84 -17.63 -12.18 -16.83
C GLY A 84 -18.10 -13.49 -16.21
N ASP A 85 -18.99 -14.17 -16.93
CA ASP A 85 -19.53 -15.44 -16.45
C ASP A 85 -18.51 -16.58 -16.48
N GLY A 86 -17.39 -16.37 -17.16
CA GLY A 86 -16.37 -17.40 -17.25
C GLY A 86 -15.49 -17.49 -16.03
N LEU A 87 -15.86 -16.80 -14.96
CA LEU A 87 -15.09 -16.79 -13.73
C LEU A 87 -15.16 -18.11 -12.95
N LYS A 88 -14.17 -18.97 -13.13
CA LYS A 88 -14.11 -20.24 -12.39
C LYS A 88 -13.57 -19.99 -10.99
N SER A 89 -14.47 -19.59 -10.09
CA SER A 89 -14.11 -19.29 -8.72
C SER A 89 -13.29 -20.37 -8.01
N GLU A 90 -13.49 -21.62 -8.42
CA GLU A 90 -12.79 -22.75 -7.80
C GLU A 90 -11.28 -22.72 -8.02
N THR A 91 -10.85 -22.12 -9.13
CA THR A 91 -9.43 -22.09 -9.44
C THR A 91 -8.77 -20.71 -9.53
N THR A 92 -9.43 -19.67 -9.04
CA THR A 92 -8.83 -18.34 -9.08
C THR A 92 -8.53 -17.78 -7.71
N ALA A 93 -7.28 -17.35 -7.53
CA ALA A 93 -6.84 -16.74 -6.28
C ALA A 93 -6.92 -15.23 -6.51
N THR A 94 -7.46 -14.50 -5.53
CA THR A 94 -7.59 -13.05 -5.67
C THR A 94 -6.90 -12.28 -4.54
N LEU A 95 -6.36 -11.12 -4.88
CA LEU A 95 -5.68 -10.28 -3.89
C LEU A 95 -5.90 -8.79 -4.12
N ALA A 96 -6.43 -8.11 -3.11
CA ALA A 96 -6.63 -6.66 -3.20
C ALA A 96 -5.24 -6.11 -3.02
N THR A 97 -4.88 -5.11 -3.82
CA THR A 97 -3.56 -4.52 -3.76
C THR A 97 -3.60 -2.99 -3.71
N VAL A 98 -2.43 -2.38 -3.51
CA VAL A 98 -2.33 -0.93 -3.48
C VAL A 98 -2.18 -0.50 -4.94
N GLY A 99 -3.33 -0.35 -5.61
CA GLY A 99 -3.34 0.04 -6.99
C GLY A 99 -2.94 -1.07 -7.97
N GLY A 100 -2.93 -0.72 -9.25
CA GLY A 100 -2.52 -1.67 -10.25
C GLY A 100 -1.02 -1.87 -10.15
N THR A 101 -0.30 -0.81 -9.80
CA THR A 101 1.16 -0.90 -9.65
C THR A 101 1.49 -1.94 -8.56
N GLY A 102 0.72 -1.93 -7.47
CA GLY A 102 0.92 -2.90 -6.41
C GLY A 102 0.62 -4.31 -6.91
N ALA A 103 -0.44 -4.46 -7.72
CA ALA A 103 -0.79 -5.77 -8.26
C ALA A 103 0.34 -6.27 -9.15
N LEU A 104 0.91 -5.38 -9.96
CA LEU A 104 2.03 -5.74 -10.83
C LEU A 104 3.23 -6.19 -10.02
N ARG A 105 3.56 -5.44 -8.97
CA ARG A 105 4.67 -5.77 -8.10
C ARG A 105 4.44 -7.12 -7.43
N GLN A 106 3.23 -7.35 -6.93
CA GLN A 106 2.91 -8.61 -6.29
C GLN A 106 2.96 -9.79 -7.26
N ALA A 107 2.53 -9.59 -8.50
CA ALA A 107 2.55 -10.65 -9.51
C ALA A 107 3.99 -11.11 -9.78
N LEU A 108 4.91 -10.14 -9.91
CA LEU A 108 6.33 -10.39 -10.15
C LEU A 108 7.00 -11.10 -8.97
N GLU A 109 6.56 -10.79 -7.76
CA GLU A 109 7.10 -11.43 -6.56
C GLU A 109 6.57 -12.86 -6.49
N LEU A 110 5.29 -13.03 -6.80
CA LEU A 110 4.65 -14.34 -6.81
C LEU A 110 5.33 -15.27 -7.82
N ALA A 111 5.44 -14.80 -9.06
CA ALA A 111 6.05 -15.56 -10.12
C ALA A 111 7.50 -15.91 -9.79
N ARG A 112 8.24 -14.92 -9.29
CA ARG A 112 9.64 -15.10 -8.91
C ARG A 112 9.78 -16.15 -7.81
N MET A 113 8.75 -16.26 -6.97
CA MET A 113 8.76 -17.24 -5.90
C MET A 113 8.63 -18.65 -6.49
N ALA A 114 7.74 -18.79 -7.47
CA ALA A 114 7.49 -20.06 -8.15
C ALA A 114 8.59 -20.48 -9.12
N ASN A 115 9.30 -19.51 -9.68
CA ASN A 115 10.39 -19.75 -10.63
C ASN A 115 11.47 -18.69 -10.52
N PRO A 116 12.49 -18.91 -9.68
CA PRO A 116 13.58 -17.94 -9.50
C PRO A 116 14.42 -17.64 -10.74
N ASP A 117 14.25 -18.43 -11.79
CA ASP A 117 15.03 -18.23 -13.02
C ASP A 117 14.22 -17.58 -14.13
N LEU A 118 13.09 -16.97 -13.80
CA LEU A 118 12.26 -16.37 -14.84
C LEU A 118 12.80 -15.09 -15.47
N ARG A 119 12.41 -14.90 -16.73
CA ARG A 119 12.76 -13.74 -17.52
C ARG A 119 11.42 -13.13 -17.87
N VAL A 120 11.37 -11.82 -18.02
CA VAL A 120 10.11 -11.19 -18.36
C VAL A 120 10.29 -10.60 -19.74
N PHE A 121 9.20 -10.57 -20.51
CA PHE A 121 9.22 -10.01 -21.86
C PHE A 121 8.24 -8.85 -21.82
N VAL A 122 8.71 -7.67 -22.20
CA VAL A 122 7.84 -6.50 -22.19
C VAL A 122 7.73 -5.97 -23.62
N SER A 123 6.62 -5.32 -23.94
CA SER A 123 6.47 -4.79 -25.28
C SER A 123 7.40 -3.64 -25.52
N ASP A 124 7.64 -3.38 -26.79
CA ASP A 124 8.50 -2.30 -27.24
C ASP A 124 7.56 -1.35 -27.99
N PRO A 125 7.15 -0.24 -27.35
CA PRO A 125 7.49 0.19 -26.00
C PRO A 125 6.44 -0.25 -24.96
N THR A 126 6.64 0.15 -23.71
CA THR A 126 5.70 -0.19 -22.67
C THR A 126 5.73 0.90 -21.60
N TRP A 127 4.84 0.79 -20.62
CA TRP A 127 4.74 1.71 -19.50
C TRP A 127 6.10 1.65 -18.79
N PRO A 128 6.81 2.79 -18.69
CA PRO A 128 8.13 2.87 -18.05
C PRO A 128 8.22 2.21 -16.67
N ASN A 129 7.17 2.39 -15.87
CA ASN A 129 7.13 1.78 -14.52
C ASN A 129 7.38 0.28 -14.57
N HIS A 130 6.96 -0.37 -15.65
CA HIS A 130 7.15 -1.80 -15.81
C HIS A 130 8.63 -2.15 -15.66
N VAL A 131 9.45 -1.52 -16.49
CA VAL A 131 10.89 -1.76 -16.51
C VAL A 131 11.57 -1.31 -15.24
N SER A 132 11.16 -0.18 -14.69
CA SER A 132 11.75 0.32 -13.47
C SER A 132 11.59 -0.71 -12.36
N ILE A 133 10.38 -1.26 -12.21
CA ILE A 133 10.10 -2.24 -11.17
C ILE A 133 10.94 -3.49 -11.33
N MET A 134 10.98 -4.02 -12.55
CA MET A 134 11.75 -5.22 -12.86
C MET A 134 13.25 -4.98 -12.65
N ASN A 135 13.71 -3.79 -13.03
CA ASN A 135 15.12 -3.41 -12.84
C ASN A 135 15.41 -3.36 -11.34
N PHE A 136 14.48 -2.79 -10.58
CA PHE A 136 14.63 -2.70 -9.14
C PHE A 136 14.71 -4.09 -8.53
N MET A 137 13.92 -5.02 -9.05
CA MET A 137 13.92 -6.39 -8.55
C MET A 137 15.10 -7.21 -9.03
N GLY A 138 15.74 -6.74 -10.10
CA GLY A 138 16.87 -7.46 -10.65
C GLY A 138 16.41 -8.63 -11.52
N LEU A 139 15.26 -8.45 -12.16
CA LEU A 139 14.70 -9.49 -13.05
C LEU A 139 15.20 -9.29 -14.46
N PRO A 140 15.58 -10.39 -15.14
CA PRO A 140 16.07 -10.29 -16.52
C PRO A 140 14.91 -9.80 -17.38
N VAL A 141 15.18 -8.84 -18.27
CA VAL A 141 14.13 -8.29 -19.12
C VAL A 141 14.45 -8.40 -20.60
N GLN A 142 13.50 -8.97 -21.34
CA GLN A 142 13.59 -9.16 -22.77
C GLN A 142 12.52 -8.31 -23.39
N THR A 143 12.72 -7.99 -24.67
CA THR A 143 11.80 -7.16 -25.42
C THR A 143 11.22 -7.90 -26.63
N TYR A 144 9.99 -7.53 -26.99
CA TYR A 144 9.33 -8.09 -28.15
C TYR A 144 8.78 -6.90 -28.91
N ARG A 145 8.99 -6.87 -30.22
CA ARG A 145 8.50 -5.78 -31.05
C ARG A 145 7.00 -5.62 -30.90
N TYR A 146 6.53 -4.38 -30.93
CA TYR A 146 5.11 -4.13 -30.80
C TYR A 146 4.64 -2.96 -31.64
N PHE A 147 5.17 -1.78 -31.39
CA PHE A 147 4.76 -0.60 -32.15
C PHE A 147 5.49 -0.47 -33.47
N ASP A 148 4.71 -0.31 -34.54
CA ASP A 148 5.26 -0.15 -35.87
C ASP A 148 5.36 1.36 -36.05
N ALA A 149 6.57 1.88 -35.98
CA ALA A 149 6.81 3.31 -36.09
C ALA A 149 6.28 3.99 -37.36
N GLU A 150 6.27 3.27 -38.48
CA GLU A 150 5.80 3.87 -39.73
C GLU A 150 4.29 3.88 -39.89
N THR A 151 3.63 2.81 -39.49
CA THR A 151 2.19 2.74 -39.62
C THR A 151 1.48 3.15 -38.34
N ARG A 152 2.25 3.27 -37.26
CA ARG A 152 1.71 3.60 -35.93
C ARG A 152 0.79 2.49 -35.43
N GLY A 153 0.82 1.34 -36.08
CA GLY A 153 -0.03 0.23 -35.70
C GLY A 153 0.84 -0.85 -35.08
N VAL A 154 0.27 -2.04 -34.89
CA VAL A 154 1.03 -3.13 -34.28
C VAL A 154 1.82 -3.93 -35.30
N ASP A 155 3.11 -4.13 -35.02
CA ASP A 155 3.98 -4.93 -35.86
C ASP A 155 3.73 -6.36 -35.40
N PHE A 156 2.59 -6.93 -35.79
CA PHE A 156 2.26 -8.29 -35.36
C PHE A 156 3.24 -9.39 -35.76
N GLU A 157 3.78 -9.33 -36.97
CA GLU A 157 4.74 -10.34 -37.41
C GLU A 157 5.97 -10.32 -36.52
N GLY A 158 6.41 -9.12 -36.13
CA GLY A 158 7.58 -8.97 -35.28
C GLY A 158 7.30 -9.48 -33.89
N MET A 159 6.11 -9.15 -33.39
CA MET A 159 5.68 -9.58 -32.07
C MET A 159 5.71 -11.10 -31.99
N LYS A 160 5.10 -11.76 -32.99
CA LYS A 160 5.06 -13.22 -33.03
C LYS A 160 6.45 -13.83 -33.08
N ALA A 161 7.32 -13.26 -33.91
CA ALA A 161 8.67 -13.78 -34.03
C ALA A 161 9.46 -13.72 -32.73
N ASP A 162 9.34 -12.61 -32.01
CA ASP A 162 10.07 -12.43 -30.75
C ASP A 162 9.53 -13.23 -29.59
N LEU A 163 8.21 -13.37 -29.51
CA LEU A 163 7.58 -14.13 -28.43
C LEU A 163 7.79 -15.62 -28.60
N ALA A 164 8.10 -16.04 -29.83
CA ALA A 164 8.35 -17.45 -30.11
C ALA A 164 9.60 -17.93 -29.41
N ALA A 165 10.42 -16.98 -28.95
CA ALA A 165 11.66 -17.30 -28.25
C ALA A 165 11.46 -17.49 -26.74
N ALA A 166 10.27 -17.23 -26.24
CA ALA A 166 9.99 -17.37 -24.82
C ALA A 166 10.05 -18.85 -24.43
N LYS A 167 10.77 -19.16 -23.36
CA LYS A 167 10.89 -20.53 -22.89
C LYS A 167 9.80 -20.82 -21.85
N LYS A 168 9.74 -22.06 -21.39
CA LYS A 168 8.75 -22.44 -20.39
C LYS A 168 9.14 -21.78 -19.07
N GLY A 169 8.21 -21.08 -18.45
CA GLY A 169 8.51 -20.41 -17.20
C GLY A 169 8.85 -18.94 -17.36
N ASP A 170 8.98 -18.49 -18.61
CA ASP A 170 9.25 -17.09 -18.87
C ASP A 170 7.92 -16.40 -18.72
N MET A 171 7.96 -15.10 -18.47
CA MET A 171 6.74 -14.32 -18.30
C MET A 171 6.60 -13.33 -19.43
N VAL A 172 5.42 -13.25 -20.01
CA VAL A 172 5.14 -12.32 -21.10
C VAL A 172 4.13 -11.32 -20.58
N LEU A 173 4.47 -10.05 -20.62
CA LEU A 173 3.56 -9.02 -20.13
C LEU A 173 2.78 -8.38 -21.28
N LEU A 174 1.46 -8.54 -21.26
CA LEU A 174 0.60 -7.98 -22.29
C LEU A 174 -0.35 -6.99 -21.66
N HIS A 175 -0.69 -5.92 -22.38
CA HIS A 175 -1.65 -4.95 -21.87
C HIS A 175 -2.97 -5.50 -22.34
N GLY A 176 -3.94 -5.62 -21.43
CA GLY A 176 -5.23 -6.14 -21.79
C GLY A 176 -5.88 -5.34 -22.90
N CYS A 177 -5.72 -4.03 -22.85
CA CYS A 177 -6.31 -3.13 -23.85
C CYS A 177 -5.74 -1.73 -23.69
N CYS A 178 -6.06 -0.85 -24.63
CA CYS A 178 -5.61 0.53 -24.60
C CYS A 178 -4.14 0.61 -24.23
N HIS A 179 -3.28 0.11 -25.12
CA HIS A 179 -1.85 0.10 -24.87
C HIS A 179 -1.33 1.50 -24.53
N ASN A 180 -0.66 1.59 -23.39
CA ASN A 180 -0.07 2.83 -22.88
C ASN A 180 1.41 2.54 -23.09
N PRO A 181 2.15 3.44 -23.77
CA PRO A 181 1.79 4.73 -24.39
C PRO A 181 1.30 4.82 -25.85
N THR A 182 1.35 3.73 -26.60
CA THR A 182 0.99 3.77 -28.01
C THR A 182 -0.44 3.94 -28.48
N GLY A 183 -1.38 3.28 -27.81
CA GLY A 183 -2.77 3.36 -28.21
C GLY A 183 -3.10 2.33 -29.29
N ALA A 184 -2.07 1.59 -29.72
CA ALA A 184 -2.21 0.56 -30.76
C ALA A 184 -2.59 -0.75 -30.08
N ASN A 185 -3.67 -1.37 -30.56
CA ASN A 185 -4.13 -2.60 -29.94
C ASN A 185 -4.32 -3.83 -30.82
N LEU A 186 -4.32 -4.98 -30.17
CA LEU A 186 -4.49 -6.26 -30.85
C LEU A 186 -5.96 -6.52 -31.12
N THR A 187 -6.26 -7.18 -32.23
CA THR A 187 -7.62 -7.54 -32.57
C THR A 187 -7.84 -8.89 -31.85
N LEU A 188 -9.09 -9.29 -31.66
CA LEU A 188 -9.38 -10.55 -30.97
C LEU A 188 -8.71 -11.74 -31.66
N ASP A 189 -8.61 -11.68 -32.99
CA ASP A 189 -7.96 -12.75 -33.75
C ASP A 189 -6.46 -12.77 -33.47
N GLN A 190 -5.87 -11.60 -33.26
CA GLN A 190 -4.44 -11.52 -32.97
C GLN A 190 -4.21 -12.08 -31.56
N TRP A 191 -5.18 -11.86 -30.66
CA TRP A 191 -5.08 -12.40 -29.31
C TRP A 191 -5.09 -13.93 -29.38
N ALA A 192 -5.94 -14.48 -30.26
CA ALA A 192 -6.05 -15.93 -30.47
C ALA A 192 -4.73 -16.51 -30.96
N GLU A 193 -4.05 -15.81 -31.84
CA GLU A 193 -2.75 -16.29 -32.32
C GLU A 193 -1.78 -16.26 -31.15
N ILE A 194 -1.84 -15.18 -30.37
CA ILE A 194 -0.99 -15.00 -29.19
C ILE A 194 -1.19 -16.17 -28.23
N ALA A 195 -2.45 -16.60 -28.07
CA ALA A 195 -2.78 -17.72 -27.21
C ALA A 195 -2.04 -18.97 -27.68
N SER A 196 -2.02 -19.20 -29.00
CA SER A 196 -1.35 -20.35 -29.56
C SER A 196 0.14 -20.37 -29.21
N ILE A 197 0.79 -19.21 -29.37
CA ILE A 197 2.22 -19.10 -29.07
C ILE A 197 2.50 -19.35 -27.59
N LEU A 198 1.65 -18.82 -26.72
CA LEU A 198 1.83 -19.02 -25.28
C LEU A 198 1.62 -20.48 -24.88
N GLU A 199 0.62 -21.14 -25.46
CA GLU A 199 0.36 -22.55 -25.15
C GLU A 199 1.56 -23.37 -25.59
N LYS A 200 2.03 -23.08 -26.80
CA LYS A 200 3.16 -23.74 -27.42
C LYS A 200 4.46 -23.62 -26.61
N THR A 201 4.73 -22.43 -26.10
CA THR A 201 5.95 -22.16 -25.34
C THR A 201 5.88 -22.50 -23.85
N GLY A 202 4.71 -22.38 -23.26
CA GLY A 202 4.58 -22.66 -21.85
C GLY A 202 5.02 -21.47 -21.00
N ALA A 203 4.92 -20.27 -21.56
CA ALA A 203 5.28 -19.05 -20.86
C ALA A 203 4.04 -18.54 -20.13
N LEU A 204 4.25 -17.95 -18.95
CA LEU A 204 3.16 -17.42 -18.15
C LEU A 204 2.77 -16.00 -18.55
N PRO A 205 1.53 -15.81 -18.99
CA PRO A 205 1.09 -14.46 -19.38
C PRO A 205 0.67 -13.63 -18.16
N LEU A 206 1.12 -12.38 -18.13
CA LEU A 206 0.78 -11.45 -17.04
C LEU A 206 0.01 -10.33 -17.72
N ILE A 207 -1.29 -10.25 -17.47
CA ILE A 207 -2.08 -9.22 -18.11
C ILE A 207 -2.27 -7.98 -17.24
N ASP A 208 -1.78 -6.86 -17.76
CA ASP A 208 -1.88 -5.57 -17.09
C ASP A 208 -3.12 -4.92 -17.67
N LEU A 209 -4.20 -4.95 -16.90
CA LEU A 209 -5.48 -4.38 -17.34
C LEU A 209 -5.82 -3.14 -16.51
N ALA A 210 -5.46 -1.97 -17.01
CA ALA A 210 -5.72 -0.73 -16.28
C ALA A 210 -6.77 0.19 -16.87
N TYR A 211 -7.19 -0.06 -18.11
CA TYR A 211 -8.16 0.82 -18.77
C TYR A 211 -9.43 0.15 -19.27
N GLN A 212 -9.87 -0.92 -18.61
CA GLN A 212 -11.08 -1.62 -19.04
C GLN A 212 -12.25 -0.64 -19.07
N GLY A 213 -12.80 -0.42 -20.25
CA GLY A 213 -13.91 0.51 -20.38
C GLY A 213 -13.56 1.79 -21.10
N PHE A 214 -12.29 2.00 -21.41
CA PHE A 214 -11.85 3.22 -22.11
C PHE A 214 -11.59 2.99 -23.60
N GLY A 215 -11.63 1.73 -24.02
CA GLY A 215 -11.41 1.40 -25.41
C GLY A 215 -12.68 1.37 -26.22
N ASP A 216 -13.28 0.20 -26.35
CA ASP A 216 -14.51 0.03 -27.11
C ASP A 216 -15.71 -0.21 -26.20
N GLY A 217 -15.44 -0.56 -24.95
CA GLY A 217 -16.51 -0.81 -24.01
C GLY A 217 -16.03 -1.70 -22.87
N LEU A 218 -16.82 -1.77 -21.81
CA LEU A 218 -16.47 -2.56 -20.64
C LEU A 218 -16.29 -4.06 -20.94
N GLU A 219 -17.22 -4.63 -21.70
CA GLU A 219 -17.16 -6.04 -22.06
C GLU A 219 -16.13 -6.28 -23.16
N GLU A 220 -16.12 -5.38 -24.14
CA GLU A 220 -15.21 -5.46 -25.29
C GLU A 220 -13.75 -5.45 -24.89
N ASP A 221 -13.38 -4.52 -24.02
CA ASP A 221 -12.01 -4.36 -23.56
C ASP A 221 -11.46 -5.54 -22.78
N ALA A 222 -12.35 -6.42 -22.32
CA ALA A 222 -11.94 -7.60 -21.57
C ALA A 222 -11.91 -8.87 -22.41
N ALA A 223 -12.34 -8.78 -23.67
CA ALA A 223 -12.38 -9.94 -24.55
C ALA A 223 -11.02 -10.63 -24.70
N GLY A 224 -9.97 -9.83 -24.90
CA GLY A 224 -8.63 -10.37 -25.04
C GLY A 224 -8.19 -11.15 -23.83
N THR A 225 -8.41 -10.57 -22.65
CA THR A 225 -8.07 -11.18 -21.38
C THR A 225 -8.85 -12.49 -21.20
N ARG A 226 -10.14 -12.45 -21.52
CA ARG A 226 -11.01 -13.62 -21.40
C ARG A 226 -10.61 -14.77 -22.31
N LEU A 227 -10.14 -14.47 -23.51
CA LEU A 227 -9.73 -15.49 -24.46
C LEU A 227 -8.51 -16.20 -23.89
N ILE A 228 -7.53 -15.42 -23.49
CA ILE A 228 -6.30 -15.93 -22.89
C ILE A 228 -6.68 -16.82 -21.71
N ALA A 229 -7.53 -16.28 -20.84
CA ALA A 229 -8.01 -16.95 -19.63
C ALA A 229 -8.68 -18.30 -19.90
N SER A 230 -9.39 -18.41 -21.02
CA SER A 230 -10.06 -19.66 -21.34
C SER A 230 -9.17 -20.70 -22.00
N ARG A 231 -8.18 -20.25 -22.76
CA ARG A 231 -7.29 -21.17 -23.48
C ARG A 231 -6.00 -21.54 -22.74
N ILE A 232 -5.52 -20.65 -21.87
CA ILE A 232 -4.29 -20.89 -21.10
C ILE A 232 -4.72 -21.26 -19.69
N PRO A 233 -4.18 -22.36 -19.15
CA PRO A 233 -4.54 -22.83 -17.80
C PRO A 233 -4.04 -22.01 -16.60
N GLU A 234 -2.93 -21.30 -16.78
CA GLU A 234 -2.37 -20.50 -15.70
C GLU A 234 -2.15 -19.07 -16.19
N VAL A 235 -2.92 -18.14 -15.62
CA VAL A 235 -2.86 -16.73 -16.01
C VAL A 235 -2.73 -15.79 -14.81
N LEU A 236 -2.06 -14.67 -15.01
CA LEU A 236 -1.89 -13.67 -13.96
C LEU A 236 -2.55 -12.41 -14.48
N ILE A 237 -3.40 -11.77 -13.68
CA ILE A 237 -4.07 -10.55 -14.11
C ILE A 237 -3.95 -9.40 -13.10
N ALA A 238 -3.28 -8.32 -13.50
CA ALA A 238 -3.09 -7.14 -12.66
C ALA A 238 -4.04 -6.02 -13.10
N ALA A 239 -5.12 -5.83 -12.36
CA ALA A 239 -6.10 -4.80 -12.70
C ALA A 239 -6.03 -3.55 -11.81
N SER A 240 -6.44 -2.42 -12.37
CA SER A 240 -6.45 -1.15 -11.66
C SER A 240 -7.82 -0.49 -11.73
N CYS A 241 -8.23 0.15 -10.63
CA CYS A 241 -9.51 0.85 -10.57
C CYS A 241 -9.29 2.35 -10.60
N SER A 242 -8.02 2.75 -10.67
CA SER A 242 -7.64 4.16 -10.69
C SER A 242 -8.36 4.99 -11.73
N LYS A 243 -8.23 4.57 -12.99
CA LYS A 243 -8.82 5.27 -14.11
C LYS A 243 -10.31 5.03 -14.40
N ASN A 244 -10.72 3.77 -14.51
CA ASN A 244 -12.14 3.49 -14.82
C ASN A 244 -13.12 3.85 -13.70
N PHE A 245 -12.62 4.03 -12.48
CA PHE A 245 -13.47 4.46 -11.37
C PHE A 245 -13.07 5.87 -10.94
N GLY A 246 -11.96 6.36 -11.48
CA GLY A 246 -11.48 7.71 -11.18
C GLY A 246 -11.06 7.91 -9.74
N ILE A 247 -10.47 6.88 -9.16
CA ILE A 247 -10.03 6.94 -7.77
C ILE A 247 -8.52 6.73 -7.67
N TYR A 248 -7.81 7.46 -8.52
CA TYR A 248 -6.34 7.41 -8.61
C TYR A 248 -5.63 7.36 -7.26
N ARG A 249 -5.90 8.35 -6.40
CA ARG A 249 -5.26 8.44 -5.10
C ARG A 249 -5.76 7.48 -4.01
N GLU A 250 -6.85 6.76 -4.25
CA GLU A 250 -7.33 5.82 -3.24
C GLU A 250 -6.54 4.51 -3.28
N ARG A 251 -5.74 4.34 -4.32
CA ARG A 251 -4.88 3.16 -4.51
C ARG A 251 -5.61 1.82 -4.44
N THR A 252 -6.43 1.56 -5.45
CA THR A 252 -7.22 0.33 -5.53
C THR A 252 -6.91 -0.53 -6.77
N GLY A 253 -6.37 -1.70 -6.52
CA GLY A 253 -6.04 -2.62 -7.60
C GLY A 253 -6.41 -4.04 -7.23
N CYS A 254 -6.14 -4.98 -8.14
CA CYS A 254 -6.46 -6.38 -7.92
C CYS A 254 -5.50 -7.33 -8.67
N LEU A 255 -5.08 -8.40 -8.02
CA LEU A 255 -4.22 -9.39 -8.66
C LEU A 255 -4.99 -10.71 -8.67
N LEU A 256 -5.28 -11.21 -9.86
CA LEU A 256 -6.00 -12.48 -10.00
C LEU A 256 -5.07 -13.53 -10.57
N ALA A 257 -5.01 -14.69 -9.91
CA ALA A 257 -4.18 -15.79 -10.35
C ALA A 257 -5.05 -16.98 -10.72
N LEU A 258 -5.16 -17.23 -12.02
CA LEU A 258 -5.96 -18.34 -12.54
C LEU A 258 -5.03 -19.57 -12.57
N CYS A 259 -5.47 -20.64 -11.91
CA CYS A 259 -4.69 -21.86 -11.81
C CYS A 259 -5.36 -23.06 -12.47
N ALA A 260 -4.57 -24.08 -12.78
CA ALA A 260 -5.06 -25.30 -13.40
C ALA A 260 -5.98 -26.09 -12.50
N ASP A 261 -5.68 -26.11 -11.19
CA ASP A 261 -6.51 -26.85 -10.24
C ASP A 261 -6.64 -26.18 -8.89
N ALA A 262 -7.63 -26.62 -8.12
CA ALA A 262 -7.93 -26.09 -6.81
C ALA A 262 -6.74 -26.16 -5.84
N ALA A 263 -6.02 -27.28 -5.87
CA ALA A 263 -4.87 -27.45 -5.00
C ALA A 263 -3.88 -26.31 -5.18
N THR A 264 -3.61 -25.97 -6.45
CA THR A 264 -2.69 -24.90 -6.76
C THR A 264 -3.26 -23.53 -6.42
N ARG A 265 -4.58 -23.41 -6.44
CA ARG A 265 -5.24 -22.16 -6.10
C ARG A 265 -4.92 -21.85 -4.65
N GLU A 266 -5.00 -22.90 -3.82
CA GLU A 266 -4.70 -22.79 -2.40
C GLU A 266 -3.28 -22.29 -2.24
N LEU A 267 -2.33 -22.96 -2.89
CA LEU A 267 -0.94 -22.56 -2.81
C LEU A 267 -0.74 -21.09 -3.19
N ALA A 268 -1.36 -20.66 -4.29
CA ALA A 268 -1.24 -19.29 -4.75
C ALA A 268 -1.87 -18.29 -3.79
N GLN A 269 -3.09 -18.56 -3.35
CA GLN A 269 -3.81 -17.68 -2.43
C GLN A 269 -3.02 -17.48 -1.14
N GLY A 270 -2.42 -18.55 -0.63
CA GLY A 270 -1.64 -18.48 0.58
C GLY A 270 -0.38 -17.64 0.38
N ALA A 271 0.28 -17.83 -0.75
CA ALA A 271 1.49 -17.07 -1.05
C ALA A 271 1.19 -15.59 -1.26
N MET A 272 0.05 -15.32 -1.88
CA MET A 272 -0.40 -13.96 -2.15
C MET A 272 -0.70 -13.22 -0.85
N ALA A 273 -1.45 -13.86 0.04
CA ALA A 273 -1.78 -13.26 1.34
C ALA A 273 -0.47 -12.99 2.08
N PHE A 274 0.43 -13.98 2.04
CA PHE A 274 1.75 -13.88 2.67
C PHE A 274 2.51 -12.66 2.15
N LEU A 275 2.40 -12.40 0.86
CA LEU A 275 3.06 -11.27 0.22
C LEU A 275 2.54 -9.93 0.73
N ASN A 276 1.23 -9.83 0.96
CA ASN A 276 0.66 -8.59 1.49
C ASN A 276 1.17 -8.38 2.92
N ARG A 277 1.09 -9.42 3.73
CA ARG A 277 1.52 -9.38 5.11
C ARG A 277 2.97 -8.91 5.30
N GLN A 278 3.88 -9.41 4.47
CA GLN A 278 5.30 -9.04 4.57
C GLN A 278 5.65 -7.71 3.93
N THR A 279 4.69 -7.08 3.28
CA THR A 279 4.95 -5.80 2.63
C THR A 279 4.33 -4.62 3.38
N TYR A 280 3.06 -4.76 3.77
CA TYR A 280 2.35 -3.69 4.46
C TYR A 280 1.18 -4.23 5.28
N SER A 281 1.16 -5.54 5.48
CA SER A 281 0.07 -6.18 6.22
C SER A 281 -1.24 -6.04 5.41
N PHE A 282 -2.31 -5.60 6.05
CA PHE A 282 -3.59 -5.44 5.37
C PHE A 282 -3.56 -4.40 4.27
N PRO A 283 -4.37 -4.62 3.21
CA PRO A 283 -4.44 -3.67 2.09
C PRO A 283 -5.44 -2.55 2.41
N PRO A 284 -5.34 -1.40 1.72
CA PRO A 284 -6.26 -0.28 1.95
C PRO A 284 -7.73 -0.57 1.60
N PHE A 285 -8.61 -0.29 2.55
CA PHE A 285 -10.04 -0.53 2.44
C PHE A 285 -10.89 0.47 1.68
N HIS A 286 -10.62 1.76 1.84
CA HIS A 286 -11.47 2.77 1.23
C HIS A 286 -11.87 2.63 -0.23
N GLY A 287 -10.88 2.56 -1.13
CA GLY A 287 -11.18 2.48 -2.54
C GLY A 287 -11.87 1.18 -2.93
N ALA A 288 -11.39 0.08 -2.36
CA ALA A 288 -11.96 -1.23 -2.65
C ALA A 288 -13.41 -1.30 -2.24
N LYS A 289 -13.75 -0.63 -1.14
CA LYS A 289 -15.13 -0.61 -0.66
C LYS A 289 -16.02 0.26 -1.54
N ILE A 290 -15.48 1.31 -2.13
CA ILE A 290 -16.25 2.18 -3.01
C ILE A 290 -16.59 1.34 -4.26
N VAL A 291 -15.57 0.69 -4.80
CA VAL A 291 -15.71 -0.16 -5.98
C VAL A 291 -16.74 -1.27 -5.75
N SER A 292 -16.59 -2.05 -4.69
CA SER A 292 -17.53 -3.13 -4.42
C SER A 292 -18.94 -2.60 -4.19
N THR A 293 -19.05 -1.39 -3.65
CA THR A 293 -20.37 -0.79 -3.41
C THR A 293 -21.02 -0.43 -4.74
N VAL A 294 -20.24 0.16 -5.64
CA VAL A 294 -20.74 0.57 -6.95
C VAL A 294 -21.18 -0.65 -7.77
N LEU A 295 -20.30 -1.64 -7.87
CA LEU A 295 -20.55 -2.86 -8.61
C LEU A 295 -21.70 -3.73 -8.10
N THR A 296 -21.93 -3.76 -6.79
CA THR A 296 -22.99 -4.58 -6.22
C THR A 296 -24.32 -3.84 -6.00
N THR A 297 -24.32 -2.53 -6.17
CA THR A 297 -25.53 -1.73 -5.99
C THR A 297 -26.07 -1.39 -7.37
N PRO A 298 -27.21 -1.99 -7.74
CA PRO A 298 -27.88 -1.79 -9.03
C PRO A 298 -27.88 -0.39 -9.61
N GLU A 299 -28.38 0.58 -8.84
CA GLU A 299 -28.46 1.96 -9.31
C GLU A 299 -27.09 2.56 -9.52
N LEU A 300 -26.17 2.23 -8.64
CA LEU A 300 -24.82 2.76 -8.73
C LEU A 300 -24.10 2.22 -9.96
N ARG A 301 -24.04 0.90 -10.09
CA ARG A 301 -23.39 0.26 -11.23
C ARG A 301 -23.95 0.86 -12.52
N ALA A 302 -25.27 1.03 -12.56
CA ALA A 302 -25.93 1.59 -13.74
C ALA A 302 -25.42 2.98 -14.04
N ASP A 303 -25.43 3.85 -13.03
CA ASP A 303 -24.95 5.23 -13.21
C ASP A 303 -23.46 5.29 -13.57
N TRP A 304 -22.67 4.41 -12.97
CA TRP A 304 -21.24 4.35 -13.23
C TRP A 304 -20.98 4.00 -14.70
N MET A 305 -21.61 2.93 -15.16
CA MET A 305 -21.42 2.50 -16.54
C MET A 305 -21.84 3.59 -17.51
N ALA A 306 -22.91 4.31 -17.16
CA ALA A 306 -23.38 5.39 -17.99
C ALA A 306 -22.36 6.52 -18.10
N GLU A 307 -21.70 6.84 -16.99
CA GLU A 307 -20.70 7.92 -16.99
C GLU A 307 -19.42 7.50 -17.71
N LEU A 308 -19.02 6.25 -17.55
CA LEU A 308 -17.83 5.75 -18.20
C LEU A 308 -18.07 5.83 -19.71
N GLU A 309 -19.25 5.35 -20.14
CA GLU A 309 -19.60 5.38 -21.54
C GLU A 309 -19.51 6.78 -22.14
N ALA A 310 -20.06 7.77 -21.44
CA ALA A 310 -20.02 9.15 -21.90
C ALA A 310 -18.57 9.61 -22.09
N VAL A 311 -17.70 9.17 -21.19
CA VAL A 311 -16.27 9.50 -21.26
C VAL A 311 -15.63 8.86 -22.49
N ARG A 312 -15.83 7.55 -22.64
CA ARG A 312 -15.28 6.78 -23.75
C ARG A 312 -15.71 7.35 -25.10
N SER A 313 -17.02 7.52 -25.26
CA SER A 313 -17.58 8.08 -26.49
C SER A 313 -17.02 9.46 -26.78
N GLY A 314 -16.93 10.28 -25.74
CA GLY A 314 -16.39 11.62 -25.90
C GLY A 314 -14.98 11.61 -26.45
N MET A 315 -14.12 10.78 -25.87
CA MET A 315 -12.73 10.69 -26.34
C MET A 315 -12.65 10.20 -27.77
N LEU A 316 -13.56 9.31 -28.14
CA LEU A 316 -13.60 8.76 -29.48
C LEU A 316 -13.98 9.83 -30.50
N ARG A 317 -14.96 10.67 -30.16
CA ARG A 317 -15.36 11.74 -31.06
C ARG A 317 -14.20 12.72 -31.22
N LEU A 318 -13.38 12.86 -30.18
CA LEU A 318 -12.22 13.72 -30.24
C LEU A 318 -11.24 13.13 -31.25
N ARG A 319 -11.01 11.82 -31.16
CA ARG A 319 -10.12 11.14 -32.09
C ARG A 319 -10.60 11.35 -33.53
N GLU A 320 -11.92 11.25 -33.72
CA GLU A 320 -12.51 11.44 -35.05
C GLU A 320 -12.24 12.85 -35.54
N GLN A 321 -12.48 13.83 -34.69
CA GLN A 321 -12.26 15.22 -35.05
C GLN A 321 -10.81 15.49 -35.43
N LEU A 322 -9.88 15.02 -34.60
CA LEU A 322 -8.46 15.23 -34.88
C LEU A 322 -8.11 14.65 -36.24
N ALA A 323 -8.50 13.37 -36.45
CA ALA A 323 -8.23 12.68 -37.69
C ALA A 323 -8.82 13.41 -38.89
N GLY A 324 -10.05 13.93 -38.73
CA GLY A 324 -10.68 14.64 -39.81
C GLY A 324 -9.88 15.88 -40.17
N GLU A 325 -9.46 16.60 -39.14
CA GLU A 325 -8.68 17.82 -39.27
C GLU A 325 -7.34 17.52 -39.93
N LEU A 326 -6.75 16.39 -39.54
CA LEU A 326 -5.47 15.98 -40.08
C LEU A 326 -5.61 15.63 -41.56
N ARG A 327 -6.75 15.04 -41.92
CA ARG A 327 -7.02 14.64 -43.30
C ARG A 327 -7.20 15.86 -44.21
N ASP A 328 -8.01 16.82 -43.75
CA ASP A 328 -8.26 18.05 -44.51
C ASP A 328 -6.97 18.81 -44.78
N LEU A 329 -6.08 18.86 -43.81
CA LEU A 329 -4.82 19.57 -43.96
C LEU A 329 -3.74 18.84 -44.76
N SER A 330 -3.60 17.54 -44.53
CA SER A 330 -2.59 16.76 -45.22
C SER A 330 -3.00 16.36 -46.63
N GLY A 331 -4.29 16.38 -46.89
CA GLY A 331 -4.76 15.98 -48.20
C GLY A 331 -4.52 14.50 -48.39
N SER A 332 -4.42 13.77 -47.28
CA SER A 332 -4.19 12.34 -47.31
C SER A 332 -4.81 11.68 -46.08
N ASP A 333 -4.55 10.39 -45.93
CA ASP A 333 -5.06 9.62 -44.80
C ASP A 333 -3.95 8.97 -43.99
N ARG A 334 -2.76 9.53 -44.07
CA ARG A 334 -1.61 9.01 -43.32
C ARG A 334 -1.90 8.96 -41.83
N PHE A 335 -2.66 9.94 -41.35
CA PHE A 335 -2.98 10.04 -39.94
C PHE A 335 -4.26 9.33 -39.52
N GLY A 336 -4.74 8.43 -40.38
CA GLY A 336 -5.97 7.69 -40.08
C GLY A 336 -5.86 6.83 -38.84
N PHE A 337 -4.64 6.48 -38.47
CA PHE A 337 -4.38 5.66 -37.29
C PHE A 337 -4.89 6.30 -36.01
N VAL A 338 -5.04 7.63 -36.01
CA VAL A 338 -5.53 8.34 -34.83
C VAL A 338 -6.95 7.91 -34.47
N ALA A 339 -7.79 7.74 -35.49
CA ALA A 339 -9.17 7.33 -35.29
C ALA A 339 -9.27 5.83 -35.02
N GLU A 340 -8.18 5.11 -35.27
CA GLU A 340 -8.12 3.68 -35.06
C GLU A 340 -7.53 3.31 -33.71
N HIS A 341 -6.71 4.19 -33.15
CA HIS A 341 -6.11 3.93 -31.84
C HIS A 341 -7.21 3.95 -30.79
N ARG A 342 -7.03 3.17 -29.74
CA ARG A 342 -8.01 3.13 -28.67
C ARG A 342 -7.32 3.42 -27.35
N GLY A 343 -8.03 4.14 -26.49
CA GLY A 343 -7.49 4.48 -25.20
C GLY A 343 -7.43 5.97 -24.99
N MET A 344 -6.71 6.38 -23.95
CA MET A 344 -6.55 7.78 -23.61
C MET A 344 -5.32 8.36 -24.29
N PHE A 345 -4.35 7.51 -24.58
CA PHE A 345 -3.10 7.96 -25.19
C PHE A 345 -2.93 7.53 -26.64
N SER A 346 -1.96 8.16 -27.29
CA SER A 346 -1.65 7.88 -28.68
C SER A 346 -0.22 8.33 -28.94
N ARG A 347 0.57 7.49 -29.60
CA ARG A 347 1.93 7.83 -29.97
C ARG A 347 1.76 8.35 -31.38
N LEU A 348 2.17 9.58 -31.62
CA LEU A 348 2.04 10.16 -32.95
C LEU A 348 3.15 9.71 -33.91
N GLY A 349 4.27 9.27 -33.37
CA GLY A 349 5.37 8.82 -34.20
C GLY A 349 6.35 9.90 -34.61
N ALA A 350 6.28 11.05 -33.93
CA ALA A 350 7.18 12.17 -34.21
C ALA A 350 8.50 11.91 -33.49
N THR A 351 9.61 12.35 -34.08
CA THR A 351 10.91 12.15 -33.46
C THR A 351 11.09 13.17 -32.33
N PRO A 352 12.07 12.93 -31.43
CA PRO A 352 12.33 13.86 -30.31
C PRO A 352 12.58 15.29 -30.83
N GLU A 353 13.32 15.37 -31.93
CA GLU A 353 13.65 16.64 -32.57
C GLU A 353 12.36 17.33 -33.03
N GLN A 354 11.41 16.55 -33.53
CA GLN A 354 10.13 17.08 -34.00
C GLN A 354 9.27 17.49 -32.80
N VAL A 355 9.36 16.71 -31.73
CA VAL A 355 8.59 16.98 -30.53
C VAL A 355 9.02 18.33 -29.95
N LYS A 356 10.32 18.57 -29.86
CA LYS A 356 10.80 19.84 -29.33
C LYS A 356 10.52 20.98 -30.30
N ARG A 357 10.48 20.67 -31.59
CA ARG A 357 10.19 21.66 -32.62
C ARG A 357 8.75 22.11 -32.41
N ILE A 358 7.89 21.16 -32.07
CA ILE A 358 6.47 21.45 -31.82
C ILE A 358 6.30 22.35 -30.59
N LYS A 359 7.05 22.06 -29.53
CA LYS A 359 7.00 22.85 -28.30
C LYS A 359 7.48 24.29 -28.54
N GLU A 360 8.69 24.42 -29.08
CA GLU A 360 9.30 25.72 -29.34
C GLU A 360 8.49 26.63 -30.27
N GLU A 361 7.92 26.06 -31.32
CA GLU A 361 7.16 26.86 -32.28
C GLU A 361 5.66 27.00 -31.98
N PHE A 362 5.03 25.95 -31.49
CA PHE A 362 3.60 26.01 -31.24
C PHE A 362 3.18 25.98 -29.78
N GLY A 363 4.15 25.91 -28.88
CA GLY A 363 3.84 25.90 -27.46
C GLY A 363 3.02 24.72 -26.99
N ILE A 364 3.10 23.60 -27.69
CA ILE A 364 2.36 22.40 -27.31
C ILE A 364 3.32 21.41 -26.64
N TYR A 365 2.90 20.88 -25.50
CA TYR A 365 3.72 19.95 -24.74
C TYR A 365 3.16 18.55 -24.78
N MET A 366 4.07 17.58 -24.86
CA MET A 366 3.73 16.16 -24.89
C MET A 366 4.95 15.41 -24.40
N VAL A 367 4.79 14.14 -24.08
CA VAL A 367 5.91 13.34 -23.60
C VAL A 367 6.93 13.24 -24.73
N GLY A 368 8.20 13.15 -24.35
CA GLY A 368 9.28 13.08 -25.32
C GLY A 368 9.22 12.01 -26.39
N ASP A 369 8.35 11.01 -26.20
CA ASP A 369 8.18 9.93 -27.17
C ASP A 369 7.01 10.22 -28.11
N SER A 370 6.48 11.43 -28.01
CA SER A 370 5.33 11.91 -28.80
C SER A 370 3.99 11.34 -28.37
N ARG A 371 3.90 10.95 -27.10
CA ARG A 371 2.66 10.43 -26.55
C ARG A 371 1.76 11.61 -26.18
N ILE A 372 0.55 11.63 -26.72
CA ILE A 372 -0.38 12.70 -26.40
C ILE A 372 -1.56 12.12 -25.65
N ASN A 373 -2.22 12.97 -24.88
CA ASN A 373 -3.40 12.57 -24.13
C ASN A 373 -4.57 13.14 -24.89
N ILE A 374 -5.41 12.26 -25.43
CA ILE A 374 -6.57 12.68 -26.20
C ILE A 374 -7.57 13.50 -25.39
N ALA A 375 -7.68 13.20 -24.11
CA ALA A 375 -8.60 13.90 -23.21
C ALA A 375 -8.19 15.37 -23.00
N GLY A 376 -6.95 15.71 -23.34
CA GLY A 376 -6.49 17.07 -23.19
C GLY A 376 -6.90 17.97 -24.33
N LEU A 377 -7.34 17.36 -25.43
CA LEU A 377 -7.77 18.10 -26.61
C LEU A 377 -9.21 18.60 -26.46
N ASN A 378 -9.65 19.36 -27.45
CA ASN A 378 -11.00 19.90 -27.53
C ASN A 378 -11.12 20.73 -28.80
N ASP A 379 -12.31 21.27 -29.01
CA ASP A 379 -12.65 22.08 -30.18
C ASP A 379 -11.69 23.23 -30.53
N ASN A 380 -11.03 23.78 -29.52
CA ASN A 380 -10.10 24.88 -29.77
C ASN A 380 -8.68 24.41 -30.02
N THR A 381 -8.27 23.42 -29.23
CA THR A 381 -6.92 22.85 -29.32
C THR A 381 -6.63 22.03 -30.58
N ILE A 382 -7.61 21.24 -31.01
CA ILE A 382 -7.48 20.36 -32.18
C ILE A 382 -6.88 21.01 -33.44
N PRO A 383 -7.42 22.16 -33.88
CA PRO A 383 -6.89 22.82 -35.08
C PRO A 383 -5.40 23.17 -34.97
N ILE A 384 -4.99 23.64 -33.80
CA ILE A 384 -3.60 24.03 -33.57
C ILE A 384 -2.68 22.82 -33.55
N LEU A 385 -3.13 21.74 -32.93
CA LEU A 385 -2.36 20.51 -32.84
C LEU A 385 -2.17 19.95 -34.26
N ALA A 386 -3.23 20.00 -35.05
CA ALA A 386 -3.20 19.52 -36.43
C ALA A 386 -2.19 20.31 -37.24
N ARG A 387 -2.32 21.64 -37.22
CA ARG A 387 -1.40 22.50 -37.95
C ARG A 387 0.05 22.28 -37.50
N ALA A 388 0.24 22.14 -36.20
CA ALA A 388 1.58 21.94 -35.63
C ALA A 388 2.20 20.66 -36.18
N ILE A 389 1.44 19.57 -36.13
CA ILE A 389 1.89 18.27 -36.62
C ILE A 389 2.39 18.38 -38.06
N ILE A 390 1.57 18.96 -38.91
CA ILE A 390 1.89 19.12 -40.32
C ILE A 390 3.04 20.07 -40.62
N GLU A 391 3.07 21.20 -39.92
CA GLU A 391 4.10 22.21 -40.12
C GLU A 391 5.50 21.69 -39.81
N VAL A 392 5.59 20.80 -38.83
CA VAL A 392 6.87 20.23 -38.40
C VAL A 392 7.29 19.04 -39.28
N GLY A 393 6.46 18.70 -40.25
CA GLY A 393 6.79 17.61 -41.14
C GLY A 393 6.75 16.23 -40.51
N VAL A 394 5.66 15.92 -39.84
CA VAL A 394 5.44 14.63 -39.21
C VAL A 394 4.72 13.75 -40.24
N MET B 1 3.64 -23.01 -13.52
CA MET B 1 4.73 -22.91 -12.52
C MET B 1 4.22 -22.63 -11.11
N LEU B 2 3.01 -22.07 -10.98
CA LEU B 2 2.47 -21.76 -9.67
C LEU B 2 2.37 -22.98 -8.74
N GLY B 3 2.44 -24.17 -9.32
CA GLY B 3 2.37 -25.38 -8.52
C GLY B 3 3.67 -25.65 -7.79
N ASN B 4 4.71 -24.88 -8.10
CA ASN B 4 6.01 -25.04 -7.46
C ASN B 4 6.05 -24.25 -6.15
N LEU B 5 4.96 -23.57 -5.83
CA LEU B 5 4.87 -22.77 -4.61
C LEU B 5 4.79 -23.63 -3.35
N LYS B 6 5.47 -23.19 -2.30
CA LYS B 6 5.46 -23.88 -1.02
C LYS B 6 4.29 -23.31 -0.22
N PRO B 7 3.71 -24.12 0.69
CA PRO B 7 2.58 -23.68 1.52
C PRO B 7 2.89 -22.55 2.50
N GLN B 8 2.97 -21.33 2.00
CA GLN B 8 3.25 -20.17 2.85
C GLN B 8 2.11 -19.88 3.80
N LEU B 14 -4.83 -17.08 13.96
CA LEU B 14 -5.95 -17.40 13.09
C LEU B 14 -6.58 -18.73 13.50
N ALA B 15 -5.76 -19.75 13.62
CA ALA B 15 -6.24 -21.08 14.03
C ALA B 15 -6.91 -21.01 15.39
N LEU B 16 -6.37 -20.19 16.28
CA LEU B 16 -6.92 -20.01 17.61
C LEU B 16 -8.33 -19.41 17.50
N MET B 17 -8.51 -18.48 16.57
CA MET B 17 -9.81 -17.84 16.36
C MET B 17 -10.85 -18.90 16.05
N GLY B 18 -10.53 -19.76 15.09
CA GLY B 18 -11.45 -20.83 14.71
C GLY B 18 -11.73 -21.71 15.91
N GLU B 19 -10.67 -22.02 16.64
CA GLU B 19 -10.76 -22.85 17.84
C GLU B 19 -11.68 -22.18 18.86
N PHE B 20 -11.61 -20.86 18.92
CA PHE B 20 -12.42 -20.05 19.82
C PHE B 20 -13.87 -20.12 19.35
N ARG B 21 -14.05 -20.02 18.04
CA ARG B 21 -15.37 -20.07 17.43
C ARG B 21 -15.97 -21.46 17.63
N ALA B 22 -15.12 -22.48 17.66
CA ALA B 22 -15.56 -23.86 17.84
C ALA B 22 -16.03 -24.15 19.27
N ASP B 23 -15.60 -23.33 20.23
CA ASP B 23 -15.97 -23.51 21.62
C ASP B 23 -17.44 -23.15 21.84
N PRO B 24 -18.26 -24.14 22.23
CA PRO B 24 -19.69 -23.92 22.47
C PRO B 24 -20.01 -23.27 23.81
N ARG B 25 -19.06 -23.35 24.75
CA ARG B 25 -19.23 -22.81 26.09
C ARG B 25 -19.54 -21.32 26.17
N GLN B 26 -20.70 -20.98 26.74
CA GLN B 26 -21.06 -19.58 26.93
C GLN B 26 -20.07 -19.13 27.99
N GLY B 27 -19.52 -17.92 27.82
CA GLY B 27 -18.56 -17.45 28.78
C GLY B 27 -17.17 -17.47 28.18
N LYS B 28 -17.11 -17.70 26.88
CA LYS B 28 -15.85 -17.69 26.15
C LYS B 28 -15.31 -16.28 26.27
N ILE B 29 -14.05 -16.16 26.65
CA ILE B 29 -13.43 -14.84 26.77
C ILE B 29 -12.28 -14.80 25.79
N ASP B 30 -12.33 -13.87 24.85
CA ASP B 30 -11.28 -13.70 23.85
C ASP B 30 -10.38 -12.54 24.28
N LEU B 31 -9.27 -12.90 24.93
CA LEU B 31 -8.31 -11.92 25.40
C LEU B 31 -7.12 -11.82 24.44
N GLY B 32 -7.15 -12.63 23.39
CA GLY B 32 -6.08 -12.63 22.40
C GLY B 32 -6.18 -11.59 21.31
N VAL B 33 -7.27 -10.82 21.30
CA VAL B 33 -7.47 -9.77 20.29
C VAL B 33 -6.35 -8.73 20.28
N GLY B 34 -6.07 -8.20 19.10
CA GLY B 34 -5.00 -7.23 18.96
C GLY B 34 -5.47 -5.84 18.66
N VAL B 35 -6.76 -5.58 18.87
CA VAL B 35 -7.32 -4.25 18.61
C VAL B 35 -8.02 -3.77 19.85
N TYR B 36 -8.28 -2.47 19.92
CA TYR B 36 -8.96 -1.92 21.06
C TYR B 36 -10.43 -2.32 20.98
N LYS B 37 -11.04 -2.52 22.15
CA LYS B 37 -12.44 -2.88 22.26
C LYS B 37 -13.03 -2.11 23.43
N ASP B 38 -14.27 -1.66 23.29
CA ASP B 38 -14.92 -0.92 24.36
C ASP B 38 -15.72 -1.86 25.26
N ALA B 39 -16.42 -1.28 26.22
CA ALA B 39 -17.23 -2.02 27.19
C ALA B 39 -18.12 -3.07 26.55
N THR B 40 -18.71 -2.75 25.40
CA THR B 40 -19.57 -3.68 24.69
C THR B 40 -18.90 -4.43 23.54
N GLY B 41 -17.61 -4.68 23.67
CA GLY B 41 -16.86 -5.41 22.66
C GLY B 41 -16.88 -4.86 21.25
N HIS B 42 -16.85 -3.54 21.12
CA HIS B 42 -16.86 -2.92 19.80
C HIS B 42 -15.68 -1.98 19.63
N THR B 43 -15.20 -1.85 18.40
CA THR B 43 -14.10 -0.96 18.06
C THR B 43 -14.78 0.15 17.27
N PRO B 44 -15.24 1.20 17.98
CA PRO B 44 -15.92 2.33 17.34
C PRO B 44 -15.03 3.22 16.48
N ILE B 45 -15.68 4.12 15.75
CA ILE B 45 -14.97 5.08 14.93
C ILE B 45 -14.98 6.32 15.81
N MET B 46 -13.80 6.87 16.05
CA MET B 46 -13.64 8.06 16.88
C MET B 46 -14.43 9.24 16.33
N ARG B 47 -15.11 9.97 17.23
CA ARG B 47 -15.92 11.11 16.84
C ARG B 47 -15.25 12.04 15.83
N ALA B 48 -14.03 12.46 16.14
CA ALA B 48 -13.28 13.37 15.28
C ALA B 48 -13.04 12.76 13.90
N VAL B 49 -12.75 11.47 13.88
CA VAL B 49 -12.50 10.75 12.63
C VAL B 49 -13.75 10.76 11.77
N HIS B 50 -14.90 10.56 12.39
CA HIS B 50 -16.15 10.55 11.64
C HIS B 50 -16.46 11.93 11.09
N ALA B 51 -16.21 12.96 11.91
CA ALA B 51 -16.47 14.33 11.51
C ALA B 51 -15.52 14.73 10.40
N ALA B 52 -14.29 14.23 10.45
CA ALA B 52 -13.29 14.52 9.42
C ALA B 52 -13.70 13.92 8.08
N GLU B 53 -14.30 12.74 8.11
CA GLU B 53 -14.74 12.08 6.89
C GLU B 53 -15.94 12.79 6.27
N GLN B 54 -16.81 13.32 7.11
CA GLN B 54 -17.98 14.03 6.63
C GLN B 54 -17.50 15.29 5.92
N ARG B 55 -16.52 15.95 6.54
CA ARG B 55 -15.96 17.19 5.98
C ARG B 55 -15.24 16.91 4.66
N MET B 56 -14.47 15.83 4.62
CA MET B 56 -13.73 15.43 3.43
C MET B 56 -14.65 15.17 2.24
N LEU B 57 -15.71 14.42 2.48
CA LEU B 57 -16.67 14.08 1.41
C LEU B 57 -17.30 15.33 0.82
N GLU B 58 -17.31 16.40 1.61
CA GLU B 58 -17.89 17.66 1.17
C GLU B 58 -16.91 18.64 0.51
N THR B 59 -15.61 18.50 0.76
CA THR B 59 -14.63 19.42 0.19
C THR B 59 -13.70 18.89 -0.91
N GLU B 60 -13.59 17.57 -1.04
CA GLU B 60 -12.72 17.01 -2.07
C GLU B 60 -13.43 17.08 -3.42
N THR B 61 -12.79 17.72 -4.39
CA THR B 61 -13.32 17.86 -5.74
C THR B 61 -12.64 16.97 -6.78
N THR B 62 -11.67 16.16 -6.34
CA THR B 62 -10.96 15.27 -7.25
C THR B 62 -10.18 14.21 -6.49
N LYS B 63 -9.88 13.11 -7.18
CA LYS B 63 -9.11 12.02 -6.61
C LYS B 63 -7.90 11.69 -7.48
N THR B 64 -7.41 12.68 -8.24
CA THR B 64 -6.25 12.50 -9.12
C THR B 64 -5.00 12.16 -8.32
N TYR B 65 -3.98 11.67 -9.01
CA TYR B 65 -2.73 11.32 -8.36
C TYR B 65 -2.24 12.52 -7.56
N ALA B 66 -1.78 12.25 -6.35
CA ALA B 66 -1.29 13.27 -5.43
C ALA B 66 0.23 13.19 -5.30
N GLY B 67 0.75 13.29 -4.08
CA GLY B 67 2.19 13.25 -3.87
C GLY B 67 2.69 11.84 -3.63
N LEU B 68 3.79 11.51 -4.28
CA LEU B 68 4.41 10.18 -4.17
C LEU B 68 4.87 9.85 -2.74
N SER B 69 5.33 10.85 -2.01
CA SER B 69 5.80 10.67 -0.62
C SER B 69 4.73 11.02 0.43
N GLY B 70 3.51 11.29 -0.04
CA GLY B 70 2.43 11.65 0.86
C GLY B 70 2.18 13.13 0.78
N GLU B 71 1.09 13.62 1.35
CA GLU B 71 0.78 15.04 1.32
C GLU B 71 1.56 15.82 2.37
N PRO B 72 2.03 17.03 2.00
CA PRO B 72 2.81 17.88 2.92
C PRO B 72 2.12 18.14 4.25
N GLU B 73 0.80 18.36 4.23
CA GLU B 73 0.03 18.59 5.46
C GLU B 73 0.10 17.37 6.37
N PHE B 74 0.10 16.17 5.78
CA PHE B 74 0.18 14.94 6.57
C PHE B 74 1.58 14.79 7.15
N GLN B 75 2.57 15.02 6.30
CA GLN B 75 3.98 14.90 6.68
C GLN B 75 4.36 15.84 7.82
N LYS B 76 3.88 17.08 7.73
CA LYS B 76 4.17 18.08 8.75
C LYS B 76 3.46 17.78 10.05
N ALA B 77 2.16 17.48 9.95
CA ALA B 77 1.34 17.16 11.13
C ALA B 77 1.89 15.98 11.91
N MET B 78 2.30 14.93 11.20
CA MET B 78 2.85 13.74 11.84
C MET B 78 4.23 14.03 12.44
N GLY B 79 5.01 14.84 11.75
CA GLY B 79 6.33 15.19 12.25
C GLY B 79 6.21 15.93 13.58
N GLU B 80 5.24 16.83 13.65
CA GLU B 80 5.02 17.60 14.87
C GLU B 80 4.40 16.78 15.98
N LEU B 81 3.47 15.90 15.63
CA LEU B 81 2.82 15.05 16.61
C LEU B 81 3.86 14.21 17.33
N ILE B 82 4.77 13.62 16.56
CA ILE B 82 5.81 12.76 17.11
C ILE B 82 6.99 13.48 17.76
N LEU B 83 7.61 14.41 17.04
CA LEU B 83 8.77 15.12 17.55
C LEU B 83 8.51 16.38 18.35
N GLY B 84 7.30 16.91 18.27
CA GLY B 84 6.99 18.13 19.00
C GLY B 84 7.96 19.22 18.61
N ASP B 85 8.57 19.85 19.61
CA ASP B 85 9.52 20.94 19.38
C ASP B 85 10.84 20.50 18.76
N GLY B 86 11.14 19.21 18.86
CA GLY B 86 12.38 18.72 18.29
C GLY B 86 12.31 18.48 16.79
N LEU B 87 11.24 18.91 16.15
CA LEU B 87 11.08 18.72 14.71
C LEU B 87 11.97 19.64 13.87
N LYS B 88 13.11 19.11 13.44
CA LYS B 88 14.04 19.85 12.61
C LYS B 88 13.78 19.49 11.14
N SER B 89 12.76 20.09 10.55
CA SER B 89 12.38 19.79 9.17
C SER B 89 13.47 19.95 8.10
N GLU B 90 14.49 20.76 8.37
CA GLU B 90 15.54 20.94 7.38
C GLU B 90 16.38 19.67 7.25
N THR B 91 16.35 18.82 8.27
CA THR B 91 17.10 17.56 8.25
C THR B 91 16.23 16.32 8.42
N THR B 92 14.91 16.48 8.24
CA THR B 92 14.00 15.36 8.39
C THR B 92 13.30 15.00 7.08
N ALA B 93 13.41 13.74 6.67
CA ALA B 93 12.76 13.25 5.46
C ALA B 93 11.51 12.49 5.91
N THR B 94 10.39 12.68 5.21
CA THR B 94 9.14 12.03 5.59
C THR B 94 8.48 11.27 4.43
N LEU B 95 8.01 10.06 4.71
CA LEU B 95 7.39 9.22 3.69
C LEU B 95 6.09 8.60 4.20
N ALA B 96 4.98 8.92 3.54
CA ALA B 96 3.70 8.35 3.91
C ALA B 96 3.71 6.91 3.40
N THR B 97 3.33 5.98 4.26
CA THR B 97 3.36 4.57 3.93
C THR B 97 2.02 3.87 4.13
N VAL B 98 1.96 2.60 3.76
CA VAL B 98 0.75 1.80 3.93
C VAL B 98 0.79 1.20 5.35
N GLY B 99 0.26 1.97 6.30
CA GLY B 99 0.25 1.56 7.69
C GLY B 99 1.63 1.60 8.32
N GLY B 100 1.70 1.22 9.60
CA GLY B 100 2.96 1.18 10.30
C GLY B 100 3.84 0.05 9.79
N THR B 101 3.23 -1.08 9.40
CA THR B 101 3.99 -2.20 8.88
C THR B 101 4.70 -1.82 7.59
N GLY B 102 4.03 -1.05 6.73
CA GLY B 102 4.65 -0.61 5.50
C GLY B 102 5.80 0.32 5.85
N ALA B 103 5.64 1.08 6.93
CA ALA B 103 6.66 2.02 7.40
C ALA B 103 7.91 1.25 7.79
N LEU B 104 7.74 0.20 8.59
CA LEU B 104 8.86 -0.64 9.03
C LEU B 104 9.57 -1.30 7.84
N ARG B 105 8.78 -1.81 6.90
CA ARG B 105 9.29 -2.45 5.69
C ARG B 105 10.17 -1.46 4.92
N GLN B 106 9.61 -0.31 4.65
CA GLN B 106 10.30 0.75 3.92
C GLN B 106 11.58 1.14 4.67
N ALA B 107 11.51 1.14 6.01
CA ALA B 107 12.67 1.48 6.84
C ALA B 107 13.79 0.48 6.59
N LEU B 108 13.44 -0.80 6.59
CA LEU B 108 14.39 -1.90 6.35
C LEU B 108 15.05 -1.80 4.98
N GLU B 109 14.23 -1.52 3.95
CA GLU B 109 14.71 -1.37 2.57
C GLU B 109 15.65 -0.18 2.51
N LEU B 110 15.23 0.95 3.09
CA LEU B 110 16.03 2.17 3.09
C LEU B 110 17.41 1.94 3.71
N ALA B 111 17.41 1.40 4.92
CA ALA B 111 18.64 1.13 5.65
C ALA B 111 19.53 0.13 4.90
N ARG B 112 18.91 -0.88 4.31
CA ARG B 112 19.64 -1.90 3.57
C ARG B 112 20.31 -1.34 2.32
N MET B 113 19.67 -0.37 1.68
CA MET B 113 20.22 0.28 0.50
C MET B 113 21.49 1.02 0.89
N ALA B 114 21.50 1.59 2.10
CA ALA B 114 22.64 2.33 2.60
C ALA B 114 23.69 1.39 3.18
N ASN B 115 23.26 0.20 3.59
CA ASN B 115 24.19 -0.76 4.16
C ASN B 115 23.79 -2.21 3.89
N PRO B 116 24.25 -2.76 2.75
CA PRO B 116 23.93 -4.14 2.38
C PRO B 116 24.39 -5.16 3.42
N ASP B 117 25.26 -4.74 4.33
CA ASP B 117 25.75 -5.64 5.35
C ASP B 117 25.13 -5.48 6.74
N LEU B 118 24.01 -4.78 6.85
CA LEU B 118 23.43 -4.61 8.18
C LEU B 118 22.75 -5.80 8.82
N ARG B 119 22.78 -5.79 10.15
CA ARG B 119 22.16 -6.79 11.01
C ARG B 119 21.11 -6.00 11.80
N VAL B 120 20.08 -6.68 12.29
CA VAL B 120 19.06 -5.99 13.04
C VAL B 120 18.89 -6.64 14.41
N PHE B 121 18.85 -5.81 15.44
CA PHE B 121 18.67 -6.26 16.81
C PHE B 121 17.19 -6.05 17.18
N VAL B 122 16.59 -7.07 17.77
CA VAL B 122 15.20 -7.01 18.19
C VAL B 122 15.13 -7.45 19.63
N SER B 123 14.10 -7.01 20.35
CA SER B 123 13.90 -7.35 21.74
C SER B 123 13.38 -8.76 21.95
N ASP B 124 13.73 -9.36 23.08
CA ASP B 124 13.26 -10.68 23.39
C ASP B 124 12.19 -10.56 24.48
N PRO B 125 10.90 -10.67 24.09
CA PRO B 125 10.37 -10.91 22.74
C PRO B 125 10.04 -9.64 21.95
N THR B 126 9.35 -9.82 20.84
CA THR B 126 8.94 -8.70 20.00
C THR B 126 7.74 -9.09 19.14
N TRP B 127 7.19 -8.08 18.47
CA TRP B 127 6.05 -8.25 17.59
C TRP B 127 6.55 -9.19 16.49
N PRO B 128 5.96 -10.40 16.39
CA PRO B 128 6.33 -11.42 15.42
C PRO B 128 6.42 -10.94 13.97
N ASN B 129 5.56 -9.99 13.59
CA ASN B 129 5.60 -9.49 12.23
C ASN B 129 6.95 -8.81 11.93
N HIS B 130 7.68 -8.43 12.97
CA HIS B 130 8.99 -7.81 12.80
C HIS B 130 9.95 -8.82 12.18
N VAL B 131 10.06 -9.97 12.83
CA VAL B 131 10.96 -11.02 12.38
C VAL B 131 10.57 -11.65 11.05
N SER B 132 9.27 -11.90 10.84
CA SER B 132 8.84 -12.50 9.58
C SER B 132 9.28 -11.65 8.39
N ILE B 133 9.11 -10.33 8.51
CA ILE B 133 9.52 -9.42 7.44
C ILE B 133 11.04 -9.47 7.27
N MET B 134 11.75 -9.48 8.38
CA MET B 134 13.20 -9.54 8.34
C MET B 134 13.66 -10.83 7.66
N ASN B 135 13.10 -11.97 8.08
CA ASN B 135 13.44 -13.27 7.51
C ASN B 135 13.15 -13.24 6.01
N PHE B 136 11.95 -12.77 5.66
CA PHE B 136 11.54 -12.67 4.27
C PHE B 136 12.54 -11.84 3.47
N MET B 137 13.11 -10.81 4.11
CA MET B 137 14.08 -9.97 3.43
C MET B 137 15.46 -10.61 3.43
N GLY B 138 15.68 -11.58 4.33
CA GLY B 138 16.98 -12.21 4.39
C GLY B 138 17.95 -11.44 5.28
N LEU B 139 17.40 -10.51 6.06
CA LEU B 139 18.19 -9.68 6.97
C LEU B 139 18.59 -10.47 8.19
N PRO B 140 19.85 -10.34 8.63
CA PRO B 140 20.34 -11.07 9.80
C PRO B 140 19.70 -10.46 11.06
N VAL B 141 19.05 -11.31 11.83
CA VAL B 141 18.36 -10.89 13.06
C VAL B 141 19.08 -11.38 14.31
N GLN B 142 19.23 -10.45 15.25
CA GLN B 142 19.87 -10.73 16.51
C GLN B 142 18.90 -10.23 17.57
N THR B 143 18.98 -10.79 18.77
CA THR B 143 18.08 -10.38 19.82
C THR B 143 18.83 -9.75 20.97
N TYR B 144 18.11 -9.02 21.80
CA TYR B 144 18.67 -8.43 23.01
C TYR B 144 17.65 -8.73 24.09
N ARG B 145 18.14 -9.01 25.29
CA ARG B 145 17.27 -9.32 26.41
C ARG B 145 16.42 -8.11 26.74
N TYR B 146 15.16 -8.35 27.08
CA TYR B 146 14.25 -7.28 27.39
C TYR B 146 13.27 -7.67 28.47
N PHE B 147 12.39 -8.62 28.19
CA PHE B 147 11.40 -9.05 29.17
C PHE B 147 11.98 -9.99 30.22
N ASP B 148 11.90 -9.58 31.48
CA ASP B 148 12.38 -10.40 32.58
C ASP B 148 11.21 -11.30 32.96
N ALA B 149 11.30 -12.57 32.60
CA ALA B 149 10.25 -13.54 32.87
C ALA B 149 9.67 -13.57 34.30
N GLU B 150 10.54 -13.61 35.31
CA GLU B 150 10.06 -13.67 36.69
C GLU B 150 9.48 -12.40 37.28
N THR B 151 10.16 -11.28 37.09
CA THR B 151 9.66 -10.01 37.62
C THR B 151 8.62 -9.40 36.67
N ARG B 152 8.55 -9.95 35.46
CA ARG B 152 7.63 -9.47 34.43
C ARG B 152 7.87 -8.00 34.10
N GLY B 153 9.11 -7.57 34.28
CA GLY B 153 9.50 -6.20 34.01
C GLY B 153 10.60 -6.25 32.97
N VAL B 154 11.40 -5.20 32.89
CA VAL B 154 12.50 -5.17 31.94
C VAL B 154 13.78 -5.68 32.57
N ASP B 155 14.58 -6.39 31.80
CA ASP B 155 15.87 -6.90 32.24
C ASP B 155 16.89 -5.92 31.67
N PHE B 156 16.85 -4.69 32.18
CA PHE B 156 17.72 -3.63 31.70
C PHE B 156 19.21 -3.95 31.72
N GLU B 157 19.67 -4.71 32.71
CA GLU B 157 21.09 -5.06 32.74
C GLU B 157 21.44 -5.92 31.54
N GLY B 158 20.58 -6.89 31.23
CA GLY B 158 20.80 -7.76 30.10
C GLY B 158 20.70 -6.98 28.80
N MET B 159 19.73 -6.09 28.72
CA MET B 159 19.54 -5.25 27.54
C MET B 159 20.79 -4.42 27.25
N LYS B 160 21.38 -3.85 28.30
CA LYS B 160 22.60 -3.03 28.14
C LYS B 160 23.75 -3.90 27.67
N ALA B 161 23.86 -5.10 28.24
CA ALA B 161 24.91 -6.05 27.89
C ALA B 161 24.89 -6.45 26.42
N ASP B 162 23.70 -6.79 25.92
CA ASP B 162 23.55 -7.23 24.54
C ASP B 162 23.71 -6.11 23.52
N LEU B 163 23.09 -4.96 23.80
CA LEU B 163 23.17 -3.83 22.89
C LEU B 163 24.57 -3.27 22.74
N ALA B 164 25.39 -3.40 23.78
CA ALA B 164 26.75 -2.89 23.75
C ALA B 164 27.56 -3.54 22.63
N ALA B 165 27.14 -4.72 22.20
CA ALA B 165 27.83 -5.46 21.14
C ALA B 165 27.38 -5.07 19.74
N ALA B 166 26.42 -4.18 19.64
CA ALA B 166 25.93 -3.74 18.34
C ALA B 166 27.08 -3.05 17.63
N LYS B 167 27.24 -3.33 16.33
CA LYS B 167 28.32 -2.73 15.56
C LYS B 167 27.87 -1.45 14.86
N LYS B 168 28.83 -0.75 14.27
CA LYS B 168 28.56 0.49 13.55
C LYS B 168 27.74 0.12 12.33
N GLY B 169 26.68 0.88 12.07
CA GLY B 169 25.87 0.58 10.90
C GLY B 169 24.78 -0.45 11.14
N ASP B 170 24.79 -1.08 12.32
CA ASP B 170 23.77 -2.04 12.66
C ASP B 170 22.53 -1.25 13.08
N MET B 171 21.40 -1.93 13.13
CA MET B 171 20.15 -1.29 13.48
C MET B 171 19.57 -1.92 14.74
N VAL B 172 19.05 -1.07 15.61
CA VAL B 172 18.44 -1.52 16.86
C VAL B 172 16.98 -1.11 16.83
N LEU B 173 16.10 -2.10 16.80
CA LEU B 173 14.67 -1.86 16.77
C LEU B 173 14.15 -1.72 18.20
N LEU B 174 13.60 -0.54 18.50
CA LEU B 174 13.06 -0.23 19.81
C LEU B 174 11.60 0.16 19.69
N HIS B 175 10.79 -0.25 20.65
CA HIS B 175 9.38 0.14 20.64
C HIS B 175 9.37 1.47 21.37
N GLY B 176 8.81 2.49 20.74
CA GLY B 176 8.74 3.81 21.35
C GLY B 176 8.05 3.87 22.70
N CYS B 177 6.99 3.09 22.84
CA CYS B 177 6.20 3.00 24.07
C CYS B 177 5.25 1.82 23.95
N CYS B 178 4.62 1.45 25.07
CA CYS B 178 3.67 0.35 25.11
C CYS B 178 4.18 -0.87 24.36
N HIS B 179 5.18 -1.52 24.93
CA HIS B 179 5.80 -2.69 24.32
C HIS B 179 4.84 -3.82 24.00
N ASN B 180 4.77 -4.16 22.73
CA ASN B 180 3.93 -5.24 22.22
C ASN B 180 4.90 -6.41 22.06
N PRO B 181 4.63 -7.55 22.71
CA PRO B 181 3.50 -7.93 23.59
C PRO B 181 3.64 -7.80 25.12
N THR B 182 4.86 -7.69 25.62
CA THR B 182 5.12 -7.64 27.06
C THR B 182 4.36 -6.65 27.93
N GLY B 183 4.27 -5.41 27.47
CA GLY B 183 3.61 -4.36 28.23
C GLY B 183 4.61 -3.65 29.13
N ALA B 184 5.83 -4.20 29.24
CA ALA B 184 6.89 -3.63 30.07
C ALA B 184 7.61 -2.54 29.30
N ASN B 185 7.82 -1.39 29.93
CA ASN B 185 8.46 -0.28 29.26
C ASN B 185 9.64 0.38 29.95
N LEU B 186 10.50 1.00 29.15
CA LEU B 186 11.68 1.69 29.62
C LEU B 186 11.28 3.03 30.24
N THR B 187 12.06 3.47 31.22
CA THR B 187 11.82 4.75 31.87
C THR B 187 12.74 5.76 31.17
N LEU B 188 12.52 7.05 31.41
CA LEU B 188 13.35 8.08 30.79
C LEU B 188 14.82 7.92 31.18
N ASP B 189 15.06 7.36 32.35
CA ASP B 189 16.44 7.14 32.82
C ASP B 189 17.06 6.02 31.99
N GLN B 190 16.27 4.99 31.73
CA GLN B 190 16.74 3.86 30.94
C GLN B 190 16.95 4.31 29.50
N TRP B 191 16.02 5.12 28.99
CA TRP B 191 16.13 5.65 27.63
C TRP B 191 17.42 6.43 27.45
N ALA B 192 17.76 7.24 28.44
CA ALA B 192 18.98 8.04 28.41
C ALA B 192 20.21 7.16 28.34
N GLU B 193 20.25 6.09 29.14
CA GLU B 193 21.38 5.17 29.12
C GLU B 193 21.47 4.47 27.77
N ILE B 194 20.30 4.18 27.18
CA ILE B 194 20.25 3.53 25.88
C ILE B 194 20.89 4.45 24.84
N ALA B 195 20.54 5.73 24.87
CA ALA B 195 21.10 6.71 23.95
C ALA B 195 22.63 6.72 24.04
N SER B 196 23.17 6.51 25.24
CA SER B 196 24.63 6.49 25.46
C SER B 196 25.24 5.31 24.71
N ILE B 197 24.63 4.15 24.86
CA ILE B 197 25.10 2.94 24.20
C ILE B 197 25.09 3.13 22.68
N LEU B 198 23.96 3.58 22.15
CA LEU B 198 23.83 3.80 20.71
C LEU B 198 24.89 4.76 20.19
N GLU B 199 25.08 5.86 20.92
CA GLU B 199 26.07 6.87 20.55
C GLU B 199 27.47 6.28 20.48
N LYS B 200 27.80 5.44 21.46
CA LYS B 200 29.10 4.81 21.53
C LYS B 200 29.33 3.78 20.43
N THR B 201 28.27 3.07 20.05
CA THR B 201 28.37 2.04 19.01
C THR B 201 28.14 2.50 17.59
N GLY B 202 27.44 3.62 17.42
CA GLY B 202 27.14 4.12 16.10
C GLY B 202 26.07 3.27 15.43
N ALA B 203 25.24 2.63 16.24
CA ALA B 203 24.17 1.78 15.74
C ALA B 203 22.96 2.66 15.46
N LEU B 204 22.35 2.48 14.29
CA LEU B 204 21.17 3.25 13.89
C LEU B 204 19.93 2.76 14.61
N PRO B 205 19.18 3.65 15.26
CA PRO B 205 17.97 3.26 15.97
C PRO B 205 16.72 3.31 15.09
N LEU B 206 15.90 2.27 15.19
CA LEU B 206 14.65 2.21 14.45
C LEU B 206 13.58 2.14 15.54
N ILE B 207 12.81 3.22 15.67
CA ILE B 207 11.77 3.30 16.69
C ILE B 207 10.44 2.92 16.06
N ASP B 208 9.77 1.95 16.66
CA ASP B 208 8.46 1.51 16.21
C ASP B 208 7.48 2.21 17.17
N LEU B 209 6.79 3.24 16.68
CA LEU B 209 5.86 3.98 17.50
C LEU B 209 4.46 3.72 16.96
N ALA B 210 3.80 2.73 17.55
CA ALA B 210 2.46 2.36 17.12
C ALA B 210 1.38 2.70 18.13
N TYR B 211 1.78 2.94 19.37
CA TYR B 211 0.81 3.24 20.43
C TYR B 211 0.90 4.59 21.14
N GLN B 212 1.37 5.63 20.45
CA GLN B 212 1.48 6.94 21.08
C GLN B 212 0.08 7.39 21.54
N GLY B 213 -0.08 7.54 22.85
CA GLY B 213 -1.36 7.96 23.40
C GLY B 213 -2.06 6.92 24.25
N PHE B 214 -1.56 5.69 24.21
CA PHE B 214 -2.15 4.58 24.96
C PHE B 214 -1.46 4.27 26.28
N GLY B 215 -0.30 4.87 26.51
CA GLY B 215 0.41 4.62 27.75
C GLY B 215 0.10 5.62 28.83
N ASP B 216 0.82 6.74 28.82
CA ASP B 216 0.67 7.82 29.79
C ASP B 216 0.12 9.14 29.22
N GLY B 217 0.03 9.24 27.90
CA GLY B 217 -0.48 10.46 27.28
C GLY B 217 0.24 10.71 25.98
N LEU B 218 -0.35 11.51 25.10
CA LEU B 218 0.26 11.81 23.80
C LEU B 218 1.70 12.31 23.91
N GLU B 219 1.92 13.35 24.70
CA GLU B 219 3.25 13.90 24.84
C GLU B 219 4.18 12.98 25.62
N GLU B 220 3.66 12.40 26.71
CA GLU B 220 4.47 11.52 27.56
C GLU B 220 4.99 10.28 26.85
N ASP B 221 4.18 9.71 25.97
CA ASP B 221 4.57 8.50 25.22
C ASP B 221 5.65 8.72 24.16
N ALA B 222 5.86 9.98 23.79
CA ALA B 222 6.86 10.33 22.78
C ALA B 222 8.17 10.83 23.41
N ALA B 223 8.20 10.87 24.75
CA ALA B 223 9.37 11.34 25.49
C ALA B 223 10.66 10.61 25.12
N GLY B 224 10.63 9.28 25.20
CA GLY B 224 11.80 8.48 24.87
C GLY B 224 12.27 8.65 23.45
N THR B 225 11.31 8.78 22.54
CA THR B 225 11.60 8.99 21.12
C THR B 225 12.27 10.35 20.91
N ARG B 226 11.69 11.38 21.53
CA ARG B 226 12.22 12.73 21.43
C ARG B 226 13.64 12.85 21.98
N LEU B 227 13.92 12.09 23.03
CA LEU B 227 15.25 12.09 23.65
C LEU B 227 16.28 11.44 22.72
N ILE B 228 15.94 10.29 22.16
CA ILE B 228 16.83 9.58 21.23
C ILE B 228 17.11 10.50 20.05
N ALA B 229 16.07 11.21 19.59
CA ALA B 229 16.19 12.12 18.46
C ALA B 229 17.11 13.32 18.75
N SER B 230 17.22 13.68 20.03
CA SER B 230 18.05 14.82 20.42
C SER B 230 19.49 14.42 20.64
N ARG B 231 19.73 13.16 20.97
CA ARG B 231 21.08 12.68 21.23
C ARG B 231 21.76 12.10 19.99
N ILE B 232 21.02 11.31 19.20
CA ILE B 232 21.56 10.68 18.01
C ILE B 232 21.22 11.49 16.76
N PRO B 233 22.22 11.76 15.91
CA PRO B 233 22.09 12.53 14.67
C PRO B 233 21.31 11.85 13.54
N GLU B 234 21.26 10.53 13.58
CA GLU B 234 20.56 9.78 12.55
C GLU B 234 19.70 8.70 13.18
N VAL B 235 18.39 8.81 12.96
CA VAL B 235 17.45 7.84 13.52
C VAL B 235 16.22 7.70 12.63
N LEU B 236 15.70 6.48 12.56
CA LEU B 236 14.51 6.17 11.76
C LEU B 236 13.36 5.88 12.70
N ILE B 237 12.17 6.38 12.34
CA ILE B 237 10.99 6.17 13.16
C ILE B 237 9.76 5.82 12.31
N ALA B 238 9.23 4.63 12.58
CA ALA B 238 8.05 4.10 11.89
C ALA B 238 6.83 4.27 12.79
N ALA B 239 5.93 5.16 12.40
CA ALA B 239 4.73 5.43 13.19
C ALA B 239 3.46 4.92 12.52
N SER B 240 2.49 4.52 13.34
CA SER B 240 1.22 4.00 12.85
C SER B 240 0.09 4.85 13.42
N CYS B 241 -0.93 5.08 12.60
CA CYS B 241 -2.10 5.84 13.01
C CYS B 241 -3.28 4.87 13.20
N SER B 242 -2.99 3.57 13.02
CA SER B 242 -4.00 2.53 13.13
C SER B 242 -4.71 2.46 14.48
N LYS B 243 -3.92 2.42 15.55
CA LYS B 243 -4.50 2.33 16.87
C LYS B 243 -4.96 3.64 17.51
N ASN B 244 -4.10 4.66 17.52
CA ASN B 244 -4.47 5.92 18.16
C ASN B 244 -5.52 6.78 17.46
N PHE B 245 -5.78 6.49 16.19
CA PHE B 245 -6.82 7.18 15.43
C PHE B 245 -7.95 6.19 15.12
N GLY B 246 -7.72 4.93 15.47
CA GLY B 246 -8.71 3.88 15.25
C GLY B 246 -9.07 3.62 13.79
N ILE B 247 -8.13 3.86 12.88
CA ILE B 247 -8.34 3.67 11.45
C ILE B 247 -7.50 2.52 10.91
N TYR B 248 -7.54 1.41 11.64
CA TYR B 248 -6.80 0.20 11.30
C TYR B 248 -6.82 -0.18 9.82
N ARG B 249 -8.02 -0.30 9.26
CA ARG B 249 -8.19 -0.72 7.86
C ARG B 249 -7.83 0.31 6.79
N GLU B 250 -7.68 1.58 7.17
CA GLU B 250 -7.34 2.61 6.19
C GLU B 250 -5.88 2.49 5.75
N ARG B 251 -5.07 1.89 6.60
CA ARG B 251 -3.64 1.68 6.34
C ARG B 251 -2.89 3.00 6.24
N THR B 252 -2.82 3.69 7.37
CA THR B 252 -2.15 4.98 7.46
C THR B 252 -0.97 4.89 8.41
N GLY B 253 0.20 5.19 7.88
CA GLY B 253 1.41 5.15 8.67
C GLY B 253 2.38 6.17 8.12
N CYS B 254 3.55 6.26 8.75
CA CYS B 254 4.53 7.25 8.35
C CYS B 254 5.95 6.83 8.69
N LEU B 255 6.88 7.08 7.79
CA LEU B 255 8.28 6.78 8.03
C LEU B 255 9.02 8.11 8.08
N LEU B 256 9.78 8.32 9.16
CA LEU B 256 10.55 9.55 9.33
C LEU B 256 12.03 9.21 9.39
N ALA B 257 12.82 9.92 8.59
CA ALA B 257 14.27 9.71 8.56
C ALA B 257 14.95 10.99 9.04
N LEU B 258 15.54 10.94 10.24
CA LEU B 258 16.24 12.08 10.83
C LEU B 258 17.70 12.01 10.40
N CYS B 259 18.15 13.05 9.69
CA CYS B 259 19.51 13.11 9.16
C CYS B 259 20.41 14.20 9.75
N ALA B 260 21.71 13.96 9.67
CA ALA B 260 22.72 14.88 10.20
C ALA B 260 22.80 16.22 9.46
N ASP B 261 22.31 16.28 8.22
CA ASP B 261 22.37 17.51 7.45
C ASP B 261 21.39 17.52 6.29
N ALA B 262 21.25 18.68 5.65
CA ALA B 262 20.33 18.86 4.53
C ALA B 262 20.65 17.97 3.33
N ALA B 263 21.93 17.74 3.10
CA ALA B 263 22.37 16.92 1.97
C ALA B 263 21.86 15.49 2.10
N THR B 264 22.09 14.88 3.26
CA THR B 264 21.65 13.52 3.51
C THR B 264 20.12 13.46 3.48
N ARG B 265 19.48 14.53 3.95
CA ARG B 265 18.02 14.57 3.97
C ARG B 265 17.50 14.39 2.54
N GLU B 266 18.12 15.09 1.59
CA GLU B 266 17.74 14.99 0.19
C GLU B 266 17.94 13.59 -0.37
N LEU B 267 19.05 12.96 -0.01
CA LEU B 267 19.33 11.61 -0.48
C LEU B 267 18.22 10.69 0.01
N ALA B 268 17.98 10.73 1.31
CA ALA B 268 16.97 9.88 1.96
C ALA B 268 15.58 10.07 1.37
N GLN B 269 15.14 11.33 1.27
CA GLN B 269 13.83 11.65 0.72
C GLN B 269 13.66 11.09 -0.68
N GLY B 270 14.70 11.25 -1.51
CA GLY B 270 14.67 10.74 -2.87
C GLY B 270 14.58 9.23 -2.92
N ALA B 271 15.36 8.56 -2.09
CA ALA B 271 15.36 7.10 -2.03
C ALA B 271 14.07 6.56 -1.42
N MET B 272 13.46 7.33 -0.51
CA MET B 272 12.22 6.91 0.11
C MET B 272 11.08 6.95 -0.90
N ALA B 273 11.02 8.04 -1.67
CA ALA B 273 9.99 8.22 -2.70
C ALA B 273 10.12 7.13 -3.76
N PHE B 274 11.36 6.84 -4.13
CA PHE B 274 11.71 5.82 -5.11
C PHE B 274 11.18 4.47 -4.62
N LEU B 275 11.38 4.18 -3.33
CA LEU B 275 10.93 2.96 -2.70
C LEU B 275 9.43 2.79 -2.81
N ASN B 276 8.68 3.89 -2.69
CA ASN B 276 7.23 3.83 -2.81
C ASN B 276 6.87 3.53 -4.26
N ARG B 277 7.49 4.27 -5.16
CA ARG B 277 7.27 4.16 -6.58
C ARG B 277 7.49 2.72 -7.09
N GLN B 278 8.51 2.05 -6.58
CA GLN B 278 8.84 0.69 -6.99
C GLN B 278 8.02 -0.40 -6.32
N THR B 279 7.26 -0.04 -5.30
CA THR B 279 6.48 -1.03 -4.56
C THR B 279 5.00 -0.99 -4.88
N TYR B 280 4.45 0.22 -5.02
CA TYR B 280 3.04 0.38 -5.28
C TYR B 280 2.71 1.79 -5.78
N SER B 281 3.75 2.54 -6.14
CA SER B 281 3.57 3.89 -6.62
C SER B 281 3.05 4.75 -5.44
N PHE B 282 2.00 5.53 -5.65
CA PHE B 282 1.45 6.39 -4.61
C PHE B 282 0.85 5.67 -3.41
N PRO B 283 0.96 6.27 -2.21
CA PRO B 283 0.42 5.70 -0.97
C PRO B 283 -1.07 6.09 -0.82
N PRO B 284 -1.89 5.28 -0.13
CA PRO B 284 -3.32 5.58 0.06
C PRO B 284 -3.60 6.92 0.72
N PHE B 285 -4.40 7.73 0.04
CA PHE B 285 -4.76 9.08 0.48
C PHE B 285 -5.77 9.22 1.63
N HIS B 286 -6.86 8.45 1.60
CA HIS B 286 -7.92 8.56 2.60
C HIS B 286 -7.58 8.62 4.08
N GLY B 287 -6.97 7.57 4.61
CA GLY B 287 -6.63 7.54 6.01
C GLY B 287 -5.72 8.68 6.43
N ALA B 288 -4.74 8.99 5.58
CA ALA B 288 -3.79 10.06 5.85
C ALA B 288 -4.48 11.42 5.86
N LYS B 289 -5.48 11.57 4.99
CA LYS B 289 -6.22 12.82 4.91
C LYS B 289 -7.04 13.00 6.18
N ILE B 290 -7.59 11.91 6.70
CA ILE B 290 -8.37 11.97 7.93
C ILE B 290 -7.44 12.48 9.04
N VAL B 291 -6.27 11.88 9.14
CA VAL B 291 -5.30 12.26 10.16
C VAL B 291 -4.89 13.73 10.14
N SER B 292 -4.50 14.24 8.97
CA SER B 292 -4.08 15.65 8.90
C SER B 292 -5.22 16.63 9.15
N THR B 293 -6.44 16.26 8.77
CA THR B 293 -7.60 17.10 8.99
C THR B 293 -7.82 17.22 10.50
N VAL B 294 -7.84 16.09 11.18
CA VAL B 294 -8.04 16.06 12.62
C VAL B 294 -6.98 16.89 13.35
N LEU B 295 -5.72 16.67 12.99
CA LEU B 295 -4.57 17.33 13.60
C LEU B 295 -4.42 18.83 13.34
N THR B 296 -4.89 19.29 12.19
CA THR B 296 -4.77 20.71 11.86
C THR B 296 -6.03 21.53 12.16
N THR B 297 -7.11 20.85 12.52
CA THR B 297 -8.36 21.52 12.85
C THR B 297 -8.53 21.51 14.37
N PRO B 298 -8.30 22.66 15.02
CA PRO B 298 -8.40 22.83 16.47
C PRO B 298 -9.53 22.12 17.21
N GLU B 299 -10.78 22.33 16.80
CA GLU B 299 -11.88 21.68 17.50
C GLU B 299 -11.87 20.15 17.33
N LEU B 300 -11.34 19.68 16.21
CA LEU B 300 -11.25 18.25 15.94
C LEU B 300 -10.13 17.60 16.76
N ARG B 301 -8.96 18.24 16.82
CA ARG B 301 -7.83 17.72 17.60
C ARG B 301 -8.18 17.71 19.09
N ALA B 302 -8.91 18.72 19.52
CA ALA B 302 -9.32 18.84 20.91
C ALA B 302 -10.16 17.64 21.30
N ASP B 303 -11.10 17.27 20.42
CA ASP B 303 -11.98 16.14 20.68
C ASP B 303 -11.28 14.79 20.52
N TRP B 304 -10.37 14.68 19.57
CA TRP B 304 -9.64 13.43 19.37
C TRP B 304 -8.79 13.16 20.61
N MET B 305 -8.21 14.21 21.18
CA MET B 305 -7.39 14.10 22.39
C MET B 305 -8.27 13.64 23.54
N ALA B 306 -9.42 14.28 23.70
CA ALA B 306 -10.35 13.96 24.77
C ALA B 306 -10.75 12.51 24.74
N GLU B 307 -11.19 12.05 23.57
CA GLU B 307 -11.61 10.65 23.41
C GLU B 307 -10.47 9.67 23.68
N LEU B 308 -9.31 9.92 23.07
CA LEU B 308 -8.14 9.06 23.25
C LEU B 308 -7.74 8.98 24.72
N GLU B 309 -7.86 10.10 25.44
CA GLU B 309 -7.52 10.15 26.87
C GLU B 309 -8.52 9.31 27.67
N ALA B 310 -9.78 9.34 27.27
CA ALA B 310 -10.81 8.56 27.94
C ALA B 310 -10.51 7.08 27.74
N VAL B 311 -10.09 6.70 26.54
CA VAL B 311 -9.75 5.30 26.26
C VAL B 311 -8.59 4.89 27.17
N ARG B 312 -7.52 5.69 27.12
CA ARG B 312 -6.32 5.45 27.92
C ARG B 312 -6.62 5.29 29.41
N SER B 313 -7.30 6.29 29.98
CA SER B 313 -7.68 6.26 31.39
C SER B 313 -8.52 5.03 31.73
N GLY B 314 -9.40 4.67 30.79
CA GLY B 314 -10.27 3.51 30.97
C GLY B 314 -9.47 2.23 31.12
N MET B 315 -8.44 2.07 30.31
CA MET B 315 -7.62 0.87 30.38
C MET B 315 -6.84 0.79 31.70
N LEU B 316 -6.33 1.92 32.18
CA LEU B 316 -5.58 1.95 33.44
C LEU B 316 -6.48 1.49 34.58
N ARG B 317 -7.68 2.04 34.61
CA ARG B 317 -8.68 1.72 35.60
C ARG B 317 -8.88 0.21 35.63
N LEU B 318 -9.02 -0.37 34.43
CA LEU B 318 -9.24 -1.79 34.27
C LEU B 318 -8.08 -2.65 34.80
N ARG B 319 -6.85 -2.29 34.48
CA ARG B 319 -5.71 -3.07 34.95
C ARG B 319 -5.36 -2.86 36.43
N GLU B 320 -5.89 -1.79 37.03
CA GLU B 320 -5.66 -1.52 38.45
C GLU B 320 -6.60 -2.44 39.23
N GLN B 321 -7.78 -2.67 38.66
CA GLN B 321 -8.76 -3.55 39.27
C GLN B 321 -8.22 -4.97 39.21
N LEU B 322 -7.65 -5.35 38.07
CA LEU B 322 -7.09 -6.69 37.90
C LEU B 322 -6.03 -6.90 38.95
N ALA B 323 -5.11 -5.94 39.07
CA ALA B 323 -4.03 -6.02 40.04
C ALA B 323 -4.59 -6.17 41.46
N GLY B 324 -5.64 -5.43 41.76
CA GLY B 324 -6.27 -5.49 43.08
C GLY B 324 -6.92 -6.83 43.33
N GLU B 325 -7.75 -7.25 42.38
CA GLU B 325 -8.48 -8.52 42.44
C GLU B 325 -7.48 -9.64 42.66
N LEU B 326 -6.37 -9.59 41.92
CA LEU B 326 -5.32 -10.58 42.00
C LEU B 326 -4.65 -10.57 43.36
N ARG B 327 -4.28 -9.38 43.83
CA ARG B 327 -3.62 -9.23 45.12
C ARG B 327 -4.45 -9.79 46.27
N ASP B 328 -5.76 -9.55 46.23
CA ASP B 328 -6.65 -10.04 47.27
C ASP B 328 -6.64 -11.57 47.28
N LEU B 329 -6.88 -12.17 46.12
CA LEU B 329 -6.91 -13.62 46.00
C LEU B 329 -5.56 -14.30 46.22
N SER B 330 -4.47 -13.54 46.13
CA SER B 330 -3.14 -14.10 46.35
C SER B 330 -2.59 -13.74 47.72
N GLY B 331 -3.14 -12.69 48.33
CA GLY B 331 -2.68 -12.24 49.63
C GLY B 331 -1.33 -11.56 49.55
N SER B 332 -0.91 -11.20 48.33
CA SER B 332 0.37 -10.54 48.11
C SER B 332 0.29 -9.71 46.84
N ASP B 333 1.26 -8.84 46.64
CA ASP B 333 1.30 -8.02 45.44
C ASP B 333 2.25 -8.59 44.39
N ARG B 334 2.20 -9.91 44.21
CA ARG B 334 3.05 -10.61 43.25
C ARG B 334 2.71 -10.14 41.84
N PHE B 335 1.42 -9.95 41.59
CA PHE B 335 0.93 -9.51 40.29
C PHE B 335 0.88 -7.99 40.17
N GLY B 336 1.70 -7.30 40.95
CA GLY B 336 1.74 -5.86 40.91
C GLY B 336 2.10 -5.34 39.54
N PHE B 337 2.96 -6.08 38.84
CA PHE B 337 3.41 -5.73 37.50
C PHE B 337 2.25 -5.37 36.57
N VAL B 338 1.10 -5.99 36.80
CA VAL B 338 -0.10 -5.75 35.99
C VAL B 338 -0.47 -4.27 35.93
N ALA B 339 -0.49 -3.61 37.09
CA ALA B 339 -0.85 -2.20 37.16
C ALA B 339 0.30 -1.29 36.75
N GLU B 340 1.51 -1.86 36.70
CA GLU B 340 2.70 -1.09 36.33
C GLU B 340 2.94 -1.11 34.82
N HIS B 341 2.47 -2.17 34.15
CA HIS B 341 2.61 -2.28 32.70
C HIS B 341 1.81 -1.16 32.05
N ARG B 342 2.22 -0.75 30.85
CA ARG B 342 1.51 0.31 30.15
C ARG B 342 1.20 -0.07 28.72
N GLY B 343 -0.06 0.11 28.33
CA GLY B 343 -0.46 -0.21 26.98
C GLY B 343 -1.70 -1.07 26.91
N MET B 344 -1.90 -1.70 25.76
CA MET B 344 -3.08 -2.54 25.55
C MET B 344 -2.82 -3.99 25.95
N PHE B 345 -1.57 -4.42 25.83
CA PHE B 345 -1.20 -5.79 26.12
C PHE B 345 -0.34 -5.95 27.36
N SER B 346 -0.29 -7.18 27.83
CA SER B 346 0.48 -7.53 29.01
C SER B 346 0.77 -9.03 28.90
N ARG B 347 1.98 -9.45 29.26
CA ARG B 347 2.34 -10.86 29.25
C ARG B 347 2.19 -11.30 30.70
N LEU B 348 1.41 -12.33 30.95
CA LEU B 348 1.21 -12.81 32.30
C LEU B 348 2.42 -13.56 32.84
N GLY B 349 3.29 -13.99 31.93
CA GLY B 349 4.47 -14.71 32.34
C GLY B 349 4.16 -16.16 32.68
N ALA B 350 3.03 -16.64 32.17
CA ALA B 350 2.60 -18.01 32.40
C ALA B 350 3.18 -18.94 31.32
N THR B 351 3.27 -20.22 31.64
CA THR B 351 3.80 -21.22 30.69
C THR B 351 2.73 -21.67 29.71
N PRO B 352 3.15 -22.27 28.57
CA PRO B 352 2.26 -22.78 27.52
C PRO B 352 1.26 -23.77 28.10
N GLU B 353 1.73 -24.49 29.12
CA GLU B 353 0.93 -25.48 29.82
C GLU B 353 -0.20 -24.76 30.55
N GLN B 354 0.16 -23.73 31.32
CA GLN B 354 -0.81 -22.95 32.07
C GLN B 354 -1.79 -22.25 31.14
N VAL B 355 -1.26 -21.76 30.02
CA VAL B 355 -2.07 -21.06 29.03
C VAL B 355 -3.20 -21.94 28.52
N LYS B 356 -2.87 -23.16 28.11
CA LYS B 356 -3.90 -24.07 27.60
C LYS B 356 -4.80 -24.60 28.69
N ARG B 357 -4.26 -24.74 29.90
CA ARG B 357 -5.03 -25.22 31.04
C ARG B 357 -6.11 -24.19 31.37
N ILE B 358 -5.78 -22.91 31.22
CA ILE B 358 -6.72 -21.81 31.48
C ILE B 358 -7.80 -21.80 30.38
N LYS B 359 -7.36 -22.02 29.15
CA LYS B 359 -8.27 -22.04 28.01
C LYS B 359 -9.28 -23.18 28.14
N GLU B 360 -8.77 -24.40 28.24
CA GLU B 360 -9.60 -25.59 28.35
C GLU B 360 -10.44 -25.70 29.63
N GLU B 361 -9.95 -25.14 30.73
CA GLU B 361 -10.69 -25.19 31.99
C GLU B 361 -11.57 -23.97 32.29
N PHE B 362 -11.11 -22.78 31.92
CA PHE B 362 -11.89 -21.58 32.21
C PHE B 362 -12.42 -20.84 30.99
N GLY B 363 -12.03 -21.28 29.81
CA GLY B 363 -12.50 -20.66 28.59
C GLY B 363 -11.92 -19.30 28.27
N ILE B 364 -10.79 -18.95 28.89
CA ILE B 364 -10.14 -17.67 28.63
C ILE B 364 -9.10 -17.90 27.52
N TYR B 365 -9.23 -17.15 26.45
CA TYR B 365 -8.32 -17.28 25.32
C TYR B 365 -7.28 -16.17 25.26
N MET B 366 -6.02 -16.56 25.41
CA MET B 366 -4.90 -15.62 25.36
C MET B 366 -4.00 -16.10 24.23
N VAL B 367 -2.95 -15.35 23.95
CA VAL B 367 -1.99 -15.74 22.94
C VAL B 367 -1.08 -16.74 23.65
N GLY B 368 -0.54 -17.69 22.90
CA GLY B 368 0.33 -18.72 23.48
C GLY B 368 1.38 -18.26 24.47
N ASP B 369 1.97 -17.10 24.21
CA ASP B 369 3.00 -16.56 25.09
C ASP B 369 2.40 -15.87 26.31
N SER B 370 1.12 -16.11 26.57
CA SER B 370 0.37 -15.54 27.68
C SER B 370 0.08 -14.03 27.56
N ARG B 371 0.01 -13.54 26.33
CA ARG B 371 -0.29 -12.12 26.10
C ARG B 371 -1.80 -11.89 26.17
N ILE B 372 -2.21 -10.96 27.04
CA ILE B 372 -3.62 -10.62 27.19
C ILE B 372 -3.88 -9.16 26.82
N ASN B 373 -5.03 -8.90 26.22
CA ASN B 373 -5.44 -7.55 25.83
C ASN B 373 -6.35 -7.09 26.94
N ILE B 374 -5.86 -6.21 27.81
CA ILE B 374 -6.68 -5.76 28.93
C ILE B 374 -7.94 -5.04 28.50
N ALA B 375 -7.97 -4.53 27.27
CA ALA B 375 -9.16 -3.84 26.77
C ALA B 375 -10.26 -4.89 26.58
N GLY B 376 -9.86 -6.14 26.40
CA GLY B 376 -10.80 -7.22 26.22
C GLY B 376 -11.36 -7.69 27.54
N LEU B 377 -10.96 -7.01 28.61
CA LEU B 377 -11.40 -7.34 29.95
C LEU B 377 -12.66 -6.55 30.26
N ASN B 378 -13.20 -6.79 31.44
CA ASN B 378 -14.42 -6.13 31.89
C ASN B 378 -14.52 -6.41 33.38
N ASP B 379 -15.06 -5.48 34.14
CA ASP B 379 -15.19 -5.64 35.60
C ASP B 379 -15.87 -6.93 36.02
N ASN B 380 -16.59 -7.57 35.10
CA ASN B 380 -17.25 -8.84 35.39
C ASN B 380 -16.28 -9.97 35.07
N THR B 381 -15.48 -9.76 34.04
CA THR B 381 -14.49 -10.72 33.59
C THR B 381 -13.26 -10.79 34.51
N ILE B 382 -12.91 -9.65 35.08
CA ILE B 382 -11.74 -9.54 35.96
C ILE B 382 -11.68 -10.61 37.05
N PRO B 383 -12.76 -10.76 37.86
CA PRO B 383 -12.72 -11.77 38.92
C PRO B 383 -12.45 -13.17 38.36
N ILE B 384 -13.16 -13.51 37.28
CA ILE B 384 -13.03 -14.81 36.61
C ILE B 384 -11.60 -15.06 36.12
N LEU B 385 -10.99 -14.05 35.51
CA LEU B 385 -9.62 -14.15 35.02
C LEU B 385 -8.67 -14.37 36.20
N ALA B 386 -8.86 -13.59 37.26
CA ALA B 386 -8.04 -13.70 38.46
C ALA B 386 -8.11 -15.10 39.07
N ARG B 387 -9.32 -15.65 39.12
CA ARG B 387 -9.53 -16.99 39.66
C ARG B 387 -8.70 -17.99 38.86
N ALA B 388 -8.80 -17.87 37.53
CA ALA B 388 -8.07 -18.74 36.61
C ALA B 388 -6.56 -18.68 36.86
N ILE B 389 -6.02 -17.47 36.93
CA ILE B 389 -4.59 -17.27 37.16
C ILE B 389 -4.13 -17.90 38.47
N ILE B 390 -4.81 -17.54 39.56
CA ILE B 390 -4.49 -18.05 40.88
C ILE B 390 -4.64 -19.57 40.95
N GLU B 391 -5.74 -20.07 40.41
CA GLU B 391 -6.03 -21.50 40.41
C GLU B 391 -5.04 -22.31 39.59
N VAL B 392 -4.69 -21.83 38.40
CA VAL B 392 -3.75 -22.53 37.54
C VAL B 392 -2.31 -22.39 38.09
N GLY B 393 -2.18 -21.65 39.18
CA GLY B 393 -0.90 -21.47 39.82
C GLY B 393 0.17 -20.74 39.03
N VAL B 394 -0.12 -19.52 38.58
CA VAL B 394 0.86 -18.73 37.85
C VAL B 394 1.73 -17.97 38.85
N1 PLP C . -0.34 -0.13 -15.71
C2 PLP C . -0.61 0.79 -16.64
C2A PLP C . -0.24 0.51 -18.13
C3 PLP C . -1.23 1.95 -16.28
O3 PLP C . -1.47 2.87 -17.25
C4 PLP C . -1.60 2.16 -14.93
C4A PLP C . -2.28 3.33 -14.53
C5 PLP C . -1.29 1.15 -14.01
C6 PLP C . -0.68 0.03 -14.42
C5A PLP C . -1.68 1.21 -12.59
O4P PLP C . -1.86 2.44 -12.02
P PLP C . -2.21 2.47 -10.51
O1P PLP C . -3.54 1.95 -10.29
O2P PLP C . -2.24 4.08 -10.34
O3P PLP C . -1.09 1.90 -9.73
N1 PLP D . 4.27 -2.46 15.19
C2 PLP D . 3.61 -2.79 16.31
C2A PLP D . 4.40 -3.27 17.54
C3 PLP D . 2.25 -2.69 16.35
O3 PLP D . 1.61 -3.11 17.48
C4 PLP D . 1.55 -2.24 15.22
C4A PLP D . 0.17 -2.05 15.23
C5 PLP D . 2.29 -1.91 14.07
C6 PLP D . 3.63 -2.03 14.09
C5A PLP D . 1.63 -1.42 12.77
O4P PLP D . 0.28 -1.69 12.49
P PLP D . -0.31 -1.17 11.17
O1P PLP D . -0.53 0.28 11.33
O2P PLP D . -1.74 -1.79 11.12
O3P PLP D . 0.52 -1.68 10.05
#